data_2ALY
#
_entry.id   2ALY
#
_cell.length_a   173.640
_cell.length_b   173.640
_cell.length_c   139.810
_cell.angle_alpha   90.00
_cell.angle_beta   90.00
_cell.angle_gamma   120.00
#
_symmetry.space_group_name_H-M   'P 32 2 1'
#
loop_
_entity.id
_entity.type
_entity.pdbx_description
1 polymer 'Phenylalanyl-tRNA synthetase alpha chain'
2 polymer 'Phenylalanyl-tRNA synthetase beta chain'
3 non-polymer 'MANGANESE (II) ION'
4 non-polymer "5'-O-[N-(L-TYROSYL)SULFAMOYL]ADENOSINE"
5 non-polymer 'SULFATE ION'
6 water water
#
loop_
_entity_poly.entity_id
_entity_poly.type
_entity_poly.pdbx_seq_one_letter_code
_entity_poly.pdbx_strand_id
1 'polypeptide(L)'
;RVDVSLPGASLFSGGLHPITLMERELVEIFRALGYQAVEGPEVESEFFNFDALNIPEHHPARDMWDTFWLTGEGFRLEGP
LGEEVEGRLLLRTHTSPMQVRYMVAHTPPFRIVVPGRVFRFEQTDATHEAVFHQLEGLVVGEGIAMAHLKGAIYELAQAL
FGPDSKVRFQPVYFPFVEPGAQFAVWWPEGGKWLELGGAGMVHPKVFQAVDAYRERLGLPPAYRGVTGFAFGLGVERLAM
LRYGIPDIRYFFGGRLKFLEQFKGVL
;
A
2 'polypeptide(L)'
;MRVPFSWLKAYVPELESPEVLEERLAGLGFETDRIERVFPIPRGVVFARVLEAHPIPGTRLKRLVLDAGRTVEVVSGAEN
ARKGIGVALALPGTELPGLGQKVGERVIQGVRSFGMALSPRELGVGEYGGGLLEFPEDALPPGTPLSEAWPEEVVLDLEV
TPNRPDALGLLGLARDLHALGYALVEPEAALKAEALPLPFALKVEDPEGAPHFTLGYAFGLRVAPSPLWMQRALFAAGMR
PINNVVDVTNYVMLERAQPMHAFDLRFVGEGIAVRRAREGERLKTLDGVERTLHPEDLVIAGWRGEESFPLGLAGVMGGA
ESEVREDTEAIALEVACFDPVSIRKTARRHGLRTEASHRFERGVDPLGQVPAQRRALSLLQALAGARVAEALLEAGSPKP
PEAIPFRPEYANRLLGTSYPEAEQIAILKRLGCRVEGEGPTYRVTPPSHRLDLRLEEDLVEEVARIQGYETIPLALPAFF
PAPDNRGVEAPYRKEQRLREVLSGLGFQEVYTYSFMDPEDARRFRLDPPRLLLLNPLAPEKAALRTHLFPGLVRVLKENL
DLDRPERALLFEVGRVFREREETHLAGLLFGEGVGLPWAKERLSGYFLLKGYLEALFARLGLAFRVEAQAFPFLHPGVSG
RVLVEGEEVGFLGALHPEIAQELELPPVHLFELRLPLPDKPLAFQDPSRHPAAFRDLAVVVPAPTPYGEVEALVREAAGP
YLESLALFDLYQGPPLPEGHKSLAFHLRFRHPKRTLRDEEVEEAVSRVAEALRARGFGLRGLDTP
;
B
#
# COMPACT_ATOMS: atom_id res chain seq x y z
N ARG A 1 57.06 -30.59 -2.37
CA ARG A 1 56.10 -30.45 -1.22
C ARG A 1 55.29 -29.17 -1.33
N VAL A 2 54.11 -29.16 -0.71
CA VAL A 2 53.23 -27.99 -0.77
C VAL A 2 52.55 -27.66 0.54
N ASP A 3 52.41 -26.36 0.82
CA ASP A 3 51.74 -25.91 2.03
C ASP A 3 50.24 -25.93 1.75
N VAL A 4 49.62 -27.08 2.02
CA VAL A 4 48.20 -27.27 1.77
C VAL A 4 47.25 -26.33 2.51
N SER A 5 47.74 -25.60 3.52
CA SER A 5 46.88 -24.68 4.26
C SER A 5 46.79 -23.33 3.56
N LEU A 6 47.61 -23.17 2.52
CA LEU A 6 47.68 -21.93 1.76
C LEU A 6 46.36 -21.65 1.01
N PRO A 7 46.05 -20.37 0.78
CA PRO A 7 44.82 -19.98 0.07
C PRO A 7 44.80 -20.51 -1.36
N GLY A 8 43.65 -21.03 -1.80
CA GLY A 8 43.55 -21.55 -3.16
C GLY A 8 43.19 -20.47 -4.16
N ALA A 9 43.11 -20.84 -5.44
CA ALA A 9 42.75 -19.89 -6.49
C ALA A 9 41.44 -19.20 -6.11
N SER A 10 41.45 -17.88 -6.15
CA SER A 10 40.30 -17.07 -5.77
C SER A 10 39.13 -17.11 -6.75
N LEU A 11 38.46 -18.26 -6.84
CA LEU A 11 37.29 -18.38 -7.71
C LEU A 11 36.18 -17.60 -7.02
N PHE A 12 35.30 -16.95 -7.78
CA PHE A 12 34.21 -16.20 -7.19
C PHE A 12 33.15 -17.11 -6.61
N SER A 13 32.46 -16.62 -5.57
CA SER A 13 31.38 -17.37 -4.96
C SER A 13 30.17 -16.44 -4.99
N GLY A 14 29.09 -16.90 -5.61
CA GLY A 14 27.90 -16.07 -5.72
C GLY A 14 26.92 -16.23 -4.57
N GLY A 15 25.73 -15.68 -4.76
CA GLY A 15 24.68 -15.75 -3.76
C GLY A 15 23.40 -15.16 -4.31
N LEU A 16 22.30 -15.41 -3.61
CA LEU A 16 21.01 -14.88 -4.04
C LEU A 16 20.50 -13.83 -3.07
N HIS A 17 19.82 -12.83 -3.62
CA HIS A 17 19.26 -11.75 -2.82
C HIS A 17 18.25 -12.34 -1.83
N PRO A 18 18.20 -11.80 -0.60
CA PRO A 18 17.26 -12.32 0.41
C PRO A 18 15.80 -12.38 -0.06
N ILE A 19 15.38 -11.42 -0.86
CA ILE A 19 14.00 -11.40 -1.35
C ILE A 19 13.76 -12.61 -2.20
N THR A 20 14.78 -12.98 -2.97
CA THR A 20 14.73 -14.13 -3.85
C THR A 20 14.61 -15.39 -3.00
N LEU A 21 15.39 -15.43 -1.92
CA LEU A 21 15.37 -16.57 -1.02
C LEU A 21 14.01 -16.73 -0.37
N MET A 22 13.48 -15.63 0.15
CA MET A 22 12.18 -15.67 0.83
C MET A 22 11.06 -16.01 -0.16
N GLU A 23 11.15 -15.46 -1.36
CA GLU A 23 10.13 -15.71 -2.37
C GLU A 23 10.13 -17.20 -2.68
N ARG A 24 11.34 -17.76 -2.79
CA ARG A 24 11.48 -19.17 -3.11
C ARG A 24 10.88 -20.08 -2.05
N GLU A 25 11.09 -19.74 -0.79
CA GLU A 25 10.54 -20.55 0.29
C GLU A 25 9.03 -20.44 0.31
N LEU A 26 8.49 -19.26 0.04
CA LEU A 26 7.05 -19.09 0.03
C LEU A 26 6.43 -19.89 -1.11
N VAL A 27 7.05 -19.82 -2.28
CA VAL A 27 6.56 -20.53 -3.45
C VAL A 27 6.67 -22.02 -3.20
N GLU A 28 7.72 -22.46 -2.51
CA GLU A 28 7.87 -23.88 -2.22
C GLU A 28 6.73 -24.33 -1.31
N ILE A 29 6.45 -23.54 -0.28
CA ILE A 29 5.39 -23.84 0.65
C ILE A 29 4.04 -23.97 -0.06
N PHE A 30 3.67 -22.99 -0.87
CA PHE A 30 2.39 -23.06 -1.58
C PHE A 30 2.37 -24.09 -2.73
N ARG A 31 3.53 -24.44 -3.24
CA ARG A 31 3.58 -25.44 -4.30
C ARG A 31 3.15 -26.78 -3.71
N ALA A 32 3.47 -27.00 -2.44
CA ALA A 32 3.13 -28.23 -1.78
C ALA A 32 1.63 -28.32 -1.56
N LEU A 33 0.93 -27.20 -1.71
CA LEU A 33 -0.52 -27.19 -1.52
C LEU A 33 -1.21 -27.19 -2.88
N GLY A 34 -0.42 -27.35 -3.93
CA GLY A 34 -0.97 -27.38 -5.28
C GLY A 34 -1.05 -26.07 -6.03
N TYR A 35 -0.32 -25.05 -5.56
CA TYR A 35 -0.33 -23.75 -6.22
C TYR A 35 0.76 -23.66 -7.27
N GLN A 36 0.46 -22.95 -8.35
CA GLN A 36 1.41 -22.76 -9.43
C GLN A 36 1.81 -21.29 -9.50
N ALA A 37 3.11 -21.05 -9.67
CA ALA A 37 3.62 -19.68 -9.71
C ALA A 37 3.62 -19.04 -11.09
N VAL A 38 3.01 -17.86 -11.20
CA VAL A 38 2.97 -17.10 -12.45
C VAL A 38 3.20 -15.63 -12.12
N GLU A 39 3.82 -14.90 -13.05
CA GLU A 39 4.09 -13.49 -12.81
C GLU A 39 3.30 -12.60 -13.75
N GLY A 40 3.14 -11.34 -13.33
CA GLY A 40 2.42 -10.37 -14.15
C GLY A 40 3.33 -9.18 -14.40
N PRO A 41 2.85 -8.17 -15.13
CA PRO A 41 3.68 -6.99 -15.42
C PRO A 41 3.70 -5.96 -14.29
N GLU A 42 4.83 -5.26 -14.18
CA GLU A 42 4.99 -4.22 -13.17
C GLU A 42 4.24 -2.97 -13.61
N VAL A 43 4.36 -2.60 -14.89
CA VAL A 43 3.64 -1.45 -15.43
C VAL A 43 2.29 -2.01 -15.87
N GLU A 44 1.25 -1.58 -15.17
CA GLU A 44 -0.11 -2.05 -15.34
C GLU A 44 -1.10 -0.92 -15.71
N SER A 45 -2.25 -1.33 -16.22
CA SER A 45 -3.31 -0.40 -16.62
C SER A 45 -4.22 -0.13 -15.44
N GLU A 46 -4.84 1.04 -15.41
CA GLU A 46 -5.73 1.38 -14.31
C GLU A 46 -6.88 0.38 -14.24
N PHE A 47 -7.26 -0.18 -15.39
CA PHE A 47 -8.33 -1.15 -15.45
C PHE A 47 -8.04 -2.39 -14.61
N PHE A 48 -6.85 -2.96 -14.76
CA PHE A 48 -6.49 -4.16 -14.02
C PHE A 48 -6.13 -3.94 -12.57
N ASN A 49 -5.45 -2.83 -12.30
CA ASN A 49 -5.01 -2.53 -10.95
C ASN A 49 -6.16 -2.03 -10.09
N PHE A 50 -7.15 -1.42 -10.71
CA PHE A 50 -8.26 -0.84 -9.95
C PHE A 50 -9.69 -1.20 -10.35
N ASP A 51 -10.13 -0.68 -11.48
CA ASP A 51 -11.50 -0.91 -11.94
C ASP A 51 -11.95 -2.35 -11.88
N ALA A 52 -11.17 -3.26 -12.46
CA ALA A 52 -11.55 -4.66 -12.46
C ALA A 52 -11.67 -5.19 -11.03
N LEU A 53 -10.82 -4.68 -10.15
CA LEU A 53 -10.83 -5.09 -8.76
C LEU A 53 -11.85 -4.34 -7.89
N ASN A 54 -12.82 -3.69 -8.53
CA ASN A 54 -13.88 -2.96 -7.85
C ASN A 54 -13.45 -1.71 -7.07
N ILE A 55 -12.41 -1.05 -7.55
CA ILE A 55 -11.91 0.17 -6.93
C ILE A 55 -12.10 1.32 -7.93
N PRO A 56 -13.28 1.94 -7.96
CA PRO A 56 -13.55 3.06 -8.88
C PRO A 56 -12.92 4.37 -8.43
N GLU A 57 -12.75 5.31 -9.37
CA GLU A 57 -12.15 6.61 -9.08
C GLU A 57 -13.00 7.56 -8.26
N HIS A 58 -12.31 8.48 -7.60
CA HIS A 58 -12.93 9.53 -6.79
C HIS A 58 -13.80 9.01 -5.65
N HIS A 59 -13.32 7.95 -5.03
CA HIS A 59 -14.02 7.36 -3.90
C HIS A 59 -13.00 6.94 -2.87
N PRO A 60 -13.36 7.03 -1.58
CA PRO A 60 -12.50 6.67 -0.44
C PRO A 60 -11.57 5.48 -0.68
N ALA A 61 -12.04 4.48 -1.40
CA ALA A 61 -11.24 3.29 -1.69
C ALA A 61 -9.95 3.65 -2.42
N ARG A 62 -10.04 4.47 -3.47
CA ARG A 62 -8.87 4.89 -4.23
C ARG A 62 -7.89 5.63 -3.33
N ASP A 63 -8.46 6.48 -2.49
CA ASP A 63 -7.67 7.30 -1.58
C ASP A 63 -6.85 6.49 -0.58
N MET A 64 -7.05 5.18 -0.57
CA MET A 64 -6.30 4.31 0.34
C MET A 64 -4.92 3.97 -0.26
N TRP A 65 -4.83 3.94 -1.58
CA TRP A 65 -3.60 3.61 -2.31
C TRP A 65 -2.82 4.85 -2.76
N ASP A 66 -1.50 4.77 -2.72
CA ASP A 66 -0.63 5.87 -3.14
C ASP A 66 0.01 5.47 -4.47
N THR A 67 -0.68 5.80 -5.56
CA THR A 67 -0.27 5.42 -6.90
C THR A 67 0.74 6.27 -7.64
N PHE A 68 1.65 5.60 -8.36
CA PHE A 68 2.66 6.25 -9.18
C PHE A 68 2.09 6.26 -10.61
N TRP A 69 1.71 7.41 -11.14
CA TRP A 69 1.19 7.45 -12.50
C TRP A 69 2.30 7.67 -13.51
N LEU A 70 2.18 7.02 -14.66
CA LEU A 70 3.19 7.10 -15.70
C LEU A 70 2.72 7.86 -16.93
N THR A 71 3.69 8.25 -17.76
CA THR A 71 3.42 8.97 -18.99
C THR A 71 4.40 8.56 -20.08
N GLY A 72 4.02 8.78 -21.34
CA GLY A 72 4.88 8.43 -22.45
C GLY A 72 4.13 7.63 -23.50
N GLU A 73 4.36 7.91 -24.77
CA GLU A 73 3.68 7.17 -25.82
C GLU A 73 4.60 6.18 -26.46
N GLY A 74 4.02 5.32 -27.30
CA GLY A 74 4.81 4.31 -27.97
C GLY A 74 4.97 3.09 -27.09
N PHE A 75 4.45 3.17 -25.86
CA PHE A 75 4.54 2.04 -24.95
C PHE A 75 3.38 1.10 -25.18
N ARG A 76 3.70 -0.17 -25.38
CA ARG A 76 2.71 -1.19 -25.62
C ARG A 76 2.55 -2.08 -24.39
N LEU A 77 1.33 -2.11 -23.87
CA LEU A 77 1.01 -2.91 -22.72
C LEU A 77 0.10 -4.02 -23.22
N GLU A 78 0.55 -5.27 -23.14
CA GLU A 78 -0.30 -6.34 -23.63
C GLU A 78 -1.21 -6.92 -22.55
N GLY A 79 -2.40 -7.35 -22.96
CA GLY A 79 -3.35 -7.90 -22.02
C GLY A 79 -3.14 -9.37 -21.79
N PRO A 80 -4.01 -10.01 -20.99
CA PRO A 80 -3.94 -11.43 -20.66
C PRO A 80 -3.74 -12.32 -21.88
N LEU A 81 -4.35 -11.94 -23.00
CA LEU A 81 -4.25 -12.72 -24.23
C LEU A 81 -3.44 -11.98 -25.31
N GLY A 82 -2.39 -11.27 -24.90
CA GLY A 82 -1.57 -10.56 -25.85
C GLY A 82 -2.23 -9.39 -26.56
N GLU A 83 -3.48 -9.10 -26.23
CA GLU A 83 -4.18 -7.99 -26.85
C GLU A 83 -3.59 -6.67 -26.36
N GLU A 84 -3.86 -5.59 -27.08
CA GLU A 84 -3.36 -4.27 -26.69
C GLU A 84 -4.39 -3.65 -25.76
N VAL A 85 -4.06 -3.56 -24.49
CA VAL A 85 -4.97 -2.98 -23.51
C VAL A 85 -4.71 -1.47 -23.38
N GLU A 86 -5.79 -0.72 -23.14
CA GLU A 86 -5.68 0.72 -22.99
C GLU A 86 -5.98 1.16 -21.58
N GLY A 87 -5.85 2.46 -21.35
CA GLY A 87 -6.11 3.02 -20.04
C GLY A 87 -4.89 3.73 -19.50
N ARG A 88 -5.08 4.50 -18.44
CA ARG A 88 -3.97 5.24 -17.85
C ARG A 88 -2.95 4.25 -17.30
N LEU A 89 -1.70 4.40 -17.73
CA LEU A 89 -0.62 3.53 -17.27
C LEU A 89 -0.22 3.92 -15.86
N LEU A 90 0.25 2.93 -15.10
CA LEU A 90 0.67 3.16 -13.73
C LEU A 90 1.53 1.99 -13.26
N LEU A 91 2.19 2.17 -12.12
CA LEU A 91 2.98 1.09 -11.57
C LEU A 91 1.98 0.39 -10.65
N ARG A 92 1.91 -0.93 -10.73
CA ARG A 92 0.96 -1.65 -9.91
C ARG A 92 1.22 -1.38 -8.42
N THR A 93 0.16 -1.05 -7.71
CA THR A 93 0.23 -0.77 -6.28
C THR A 93 0.11 -2.07 -5.47
N HIS A 94 -0.09 -3.19 -6.18
CA HIS A 94 -0.19 -4.51 -5.56
C HIS A 94 -0.20 -5.59 -6.65
N THR A 95 -0.05 -6.84 -6.25
CA THR A 95 -0.04 -7.94 -7.23
C THR A 95 -1.46 -8.36 -7.63
N SER A 96 -2.45 -7.86 -6.91
CA SER A 96 -3.84 -8.22 -7.18
C SER A 96 -4.33 -8.18 -8.63
N PRO A 97 -3.87 -7.22 -9.45
CA PRO A 97 -4.37 -7.25 -10.83
C PRO A 97 -4.11 -8.58 -11.56
N MET A 98 -3.00 -9.24 -11.23
CA MET A 98 -2.64 -10.51 -11.86
C MET A 98 -3.74 -11.55 -11.57
N GLN A 99 -4.59 -11.22 -10.63
CA GLN A 99 -5.72 -12.06 -10.22
C GLN A 99 -6.79 -11.99 -11.33
N VAL A 100 -6.92 -10.85 -11.99
CA VAL A 100 -7.90 -10.71 -13.06
C VAL A 100 -7.26 -11.15 -14.37
N ARG A 101 -5.98 -10.84 -14.53
CA ARG A 101 -5.31 -11.25 -15.77
C ARG A 101 -5.39 -12.77 -15.89
N TYR A 102 -4.97 -13.49 -14.86
CA TYR A 102 -5.01 -14.95 -14.92
C TYR A 102 -6.41 -15.49 -15.20
N MET A 103 -7.41 -15.03 -14.47
CA MET A 103 -8.77 -15.53 -14.69
C MET A 103 -9.33 -15.32 -16.09
N VAL A 104 -8.97 -14.23 -16.77
CA VAL A 104 -9.55 -14.10 -18.11
C VAL A 104 -8.85 -15.07 -19.04
N ALA A 105 -7.58 -15.36 -18.75
CA ALA A 105 -6.80 -16.26 -19.60
C ALA A 105 -6.93 -17.75 -19.31
N HIS A 106 -7.56 -18.11 -18.19
CA HIS A 106 -7.72 -19.51 -17.84
C HIS A 106 -9.12 -19.84 -17.35
N THR A 107 -9.34 -21.12 -17.07
CA THR A 107 -10.64 -21.59 -16.63
C THR A 107 -10.50 -22.37 -15.34
N PRO A 108 -11.44 -22.20 -14.39
CA PRO A 108 -11.40 -22.89 -13.11
C PRO A 108 -11.75 -24.36 -13.25
N PRO A 109 -11.36 -25.18 -12.27
CA PRO A 109 -10.63 -24.81 -11.04
C PRO A 109 -9.10 -24.72 -11.17
N PHE A 110 -8.50 -23.88 -10.33
CA PHE A 110 -7.05 -23.73 -10.31
C PHE A 110 -6.55 -23.10 -9.00
N ARG A 111 -5.22 -23.10 -8.84
CA ARG A 111 -4.58 -22.53 -7.68
C ARG A 111 -3.30 -21.83 -8.14
N ILE A 112 -3.27 -20.51 -8.05
CA ILE A 112 -2.06 -19.83 -8.47
C ILE A 112 -1.48 -19.05 -7.30
N VAL A 113 -0.22 -18.67 -7.46
CA VAL A 113 0.47 -17.89 -6.47
C VAL A 113 1.30 -16.93 -7.34
N VAL A 114 1.26 -15.64 -7.04
CA VAL A 114 2.02 -14.74 -7.89
C VAL A 114 2.86 -13.70 -7.16
N PRO A 115 4.16 -13.97 -7.07
CA PRO A 115 5.10 -13.06 -6.41
C PRO A 115 5.26 -11.87 -7.35
N GLY A 116 5.72 -10.74 -6.83
CA GLY A 116 5.88 -9.59 -7.70
C GLY A 116 6.33 -8.31 -7.03
N ARG A 117 6.95 -7.45 -7.84
CA ARG A 117 7.46 -6.17 -7.39
C ARG A 117 6.29 -5.20 -7.48
N VAL A 118 6.01 -4.51 -6.39
CA VAL A 118 4.93 -3.53 -6.38
C VAL A 118 5.46 -2.15 -5.97
N PHE A 119 4.70 -1.10 -6.30
CA PHE A 119 5.14 0.26 -6.00
C PHE A 119 4.08 1.15 -5.35
N ARG A 120 4.49 1.95 -4.38
CA ARG A 120 3.59 2.87 -3.71
C ARG A 120 4.31 4.13 -3.31
N PHE A 121 3.70 5.27 -3.66
CA PHE A 121 4.27 6.57 -3.34
C PHE A 121 4.01 6.92 -1.87
N GLU A 122 4.92 6.50 -0.99
CA GLU A 122 4.78 6.79 0.43
C GLU A 122 6.16 6.91 1.08
N GLN A 123 6.20 7.45 2.31
CA GLN A 123 7.46 7.63 3.02
C GLN A 123 8.08 6.31 3.44
N THR A 124 9.38 6.18 3.21
CA THR A 124 10.09 4.95 3.57
C THR A 124 10.73 5.02 4.96
N ASP A 125 10.30 4.15 5.86
CA ASP A 125 10.90 4.08 7.19
C ASP A 125 11.59 2.72 7.33
N ALA A 126 11.59 2.15 8.53
CA ALA A 126 12.25 0.86 8.74
C ALA A 126 11.38 -0.34 8.38
N THR A 127 10.09 -0.09 8.19
CA THR A 127 9.16 -1.17 7.85
C THR A 127 8.29 -0.82 6.64
N HIS A 128 8.63 0.26 5.96
CA HIS A 128 7.88 0.72 4.79
C HIS A 128 8.81 1.12 3.66
N GLU A 129 8.50 0.63 2.47
CA GLU A 129 9.27 0.94 1.28
C GLU A 129 8.31 1.45 0.21
N ALA A 130 8.84 2.16 -0.78
CA ALA A 130 8.00 2.65 -1.87
C ALA A 130 8.05 1.55 -2.93
N VAL A 131 9.07 0.71 -2.82
CA VAL A 131 9.28 -0.40 -3.74
C VAL A 131 9.53 -1.67 -2.95
N PHE A 132 8.54 -2.56 -2.92
CA PHE A 132 8.64 -3.82 -2.19
C PHE A 132 8.02 -4.99 -2.97
N HIS A 133 7.84 -6.13 -2.30
CA HIS A 133 7.31 -7.30 -2.96
C HIS A 133 6.12 -7.95 -2.24
N GLN A 134 5.18 -8.46 -3.03
CA GLN A 134 4.03 -9.15 -2.48
C GLN A 134 3.89 -10.53 -3.12
N LEU A 135 3.08 -11.37 -2.48
CA LEU A 135 2.82 -12.70 -3.01
C LEU A 135 1.31 -12.86 -3.00
N GLU A 136 0.69 -12.91 -4.18
CA GLU A 136 -0.75 -13.11 -4.22
C GLU A 136 -0.98 -14.60 -4.27
N GLY A 137 -2.19 -14.97 -3.82
CA GLY A 137 -2.60 -16.35 -3.84
C GLY A 137 -4.02 -16.26 -4.37
N LEU A 138 -4.43 -17.21 -5.20
CA LEU A 138 -5.80 -17.22 -5.73
C LEU A 138 -6.17 -18.66 -6.00
N VAL A 139 -7.30 -19.08 -5.45
CA VAL A 139 -7.81 -20.43 -5.62
C VAL A 139 -9.29 -20.25 -5.96
N VAL A 140 -9.66 -20.66 -7.17
CA VAL A 140 -11.03 -20.53 -7.63
C VAL A 140 -11.57 -21.89 -8.01
N GLY A 141 -12.84 -22.13 -7.69
CA GLY A 141 -13.45 -23.38 -8.02
C GLY A 141 -14.76 -23.61 -7.30
N GLU A 142 -15.54 -24.56 -7.78
CA GLU A 142 -16.81 -24.90 -7.18
C GLU A 142 -16.59 -25.36 -5.75
N GLY A 143 -17.41 -24.86 -4.83
CA GLY A 143 -17.29 -25.25 -3.44
C GLY A 143 -16.14 -24.67 -2.62
N ILE A 144 -15.42 -23.70 -3.15
CA ILE A 144 -14.31 -23.11 -2.41
C ILE A 144 -14.91 -22.22 -1.30
N ALA A 145 -14.41 -22.35 -0.09
CA ALA A 145 -14.95 -21.61 1.04
C ALA A 145 -13.89 -20.91 1.88
N MET A 146 -14.33 -20.05 2.80
CA MET A 146 -13.39 -19.32 3.62
C MET A 146 -12.60 -20.28 4.50
N ALA A 147 -13.17 -21.44 4.80
CA ALA A 147 -12.47 -22.44 5.61
C ALA A 147 -11.22 -22.88 4.85
N HIS A 148 -11.28 -22.89 3.52
CA HIS A 148 -10.13 -23.27 2.71
C HIS A 148 -9.09 -22.16 2.77
N LEU A 149 -9.53 -20.91 2.80
CA LEU A 149 -8.62 -19.79 2.90
C LEU A 149 -7.90 -19.89 4.25
N LYS A 150 -8.65 -20.12 5.32
CA LYS A 150 -8.04 -20.25 6.64
C LYS A 150 -7.07 -21.45 6.67
N GLY A 151 -7.47 -22.53 6.00
CA GLY A 151 -6.64 -23.72 5.95
C GLY A 151 -5.29 -23.42 5.30
N ALA A 152 -5.34 -22.68 4.21
CA ALA A 152 -4.14 -22.31 3.46
C ALA A 152 -3.15 -21.55 4.35
N ILE A 153 -3.63 -20.48 4.97
CA ILE A 153 -2.79 -19.67 5.84
C ILE A 153 -2.30 -20.48 7.03
N TYR A 154 -3.12 -21.42 7.49
CA TYR A 154 -2.73 -22.26 8.61
C TYR A 154 -1.50 -23.06 8.16
N GLU A 155 -1.56 -23.56 6.92
CA GLU A 155 -0.43 -24.32 6.39
C GLU A 155 0.81 -23.45 6.26
N LEU A 156 0.62 -22.23 5.79
CA LEU A 156 1.74 -21.30 5.65
C LEU A 156 2.43 -21.22 7.01
N ALA A 157 1.66 -20.89 8.04
CA ALA A 157 2.19 -20.75 9.39
C ALA A 157 2.94 -22.01 9.87
N GLN A 158 2.28 -23.16 9.84
CA GLN A 158 2.93 -24.40 10.24
C GLN A 158 4.27 -24.53 9.49
N ALA A 159 4.22 -24.42 8.16
CA ALA A 159 5.42 -24.55 7.36
C ALA A 159 6.49 -23.53 7.66
N LEU A 160 6.08 -22.34 8.07
CA LEU A 160 7.03 -21.28 8.33
C LEU A 160 7.57 -21.24 9.75
N PHE A 161 6.77 -21.65 10.73
CA PHE A 161 7.22 -21.58 12.11
C PHE A 161 7.07 -22.83 12.96
N GLY A 162 6.75 -23.95 12.34
CA GLY A 162 6.61 -25.18 13.10
C GLY A 162 5.23 -25.39 13.69
N PRO A 163 4.98 -26.60 14.25
CA PRO A 163 3.72 -27.05 14.86
C PRO A 163 3.15 -26.17 15.97
N ASP A 164 3.98 -25.42 16.67
CA ASP A 164 3.45 -24.59 17.74
C ASP A 164 3.03 -23.22 17.22
N SER A 165 2.92 -23.10 15.91
CA SER A 165 2.51 -21.86 15.26
C SER A 165 1.00 -21.85 15.06
N LYS A 166 0.42 -20.66 14.91
CA LYS A 166 -1.02 -20.54 14.69
C LYS A 166 -1.39 -19.27 13.93
N VAL A 167 -2.59 -19.25 13.37
CA VAL A 167 -3.03 -18.09 12.61
C VAL A 167 -4.21 -17.37 13.23
N ARG A 168 -4.38 -16.11 12.84
CA ARG A 168 -5.43 -15.26 13.35
C ARG A 168 -5.98 -14.39 12.22
N PHE A 169 -7.28 -14.48 12.00
CA PHE A 169 -7.97 -13.70 10.98
C PHE A 169 -8.90 -12.70 11.65
N GLN A 170 -8.93 -11.48 11.14
CA GLN A 170 -9.82 -10.46 11.68
C GLN A 170 -10.46 -9.80 10.48
N PRO A 171 -11.68 -9.30 10.61
CA PRO A 171 -12.28 -8.67 9.44
C PRO A 171 -11.58 -7.36 9.04
N VAL A 172 -11.49 -7.11 7.74
CA VAL A 172 -10.91 -5.88 7.22
C VAL A 172 -11.57 -5.64 5.87
N TYR A 173 -11.33 -4.47 5.27
CA TYR A 173 -11.98 -4.14 4.01
C TYR A 173 -11.13 -4.11 2.74
N PHE A 174 -11.69 -4.67 1.67
CA PHE A 174 -11.03 -4.69 0.36
C PHE A 174 -12.12 -4.71 -0.69
N PRO A 175 -12.20 -3.69 -1.53
CA PRO A 175 -13.26 -3.73 -2.53
C PRO A 175 -13.32 -5.06 -3.30
N PHE A 176 -12.20 -5.78 -3.39
CA PHE A 176 -12.18 -7.05 -4.13
C PHE A 176 -12.51 -8.36 -3.41
N VAL A 177 -12.82 -8.29 -2.06
CA VAL A 177 -13.35 -9.51 -1.44
C VAL A 177 -14.56 -9.19 -0.58
N GLU A 178 -15.26 -10.30 -0.17
CA GLU A 178 -16.43 -10.18 0.71
C GLU A 178 -16.92 -11.59 1.03
N PRO A 179 -16.64 -12.08 2.24
CA PRO A 179 -15.90 -11.50 3.37
C PRO A 179 -14.47 -11.05 3.09
N GLY A 180 -14.02 -10.07 3.87
CA GLY A 180 -12.68 -9.55 3.74
C GLY A 180 -11.95 -9.83 5.04
N ALA A 181 -10.64 -9.91 5.00
CA ALA A 181 -9.90 -10.20 6.21
C ALA A 181 -8.43 -9.82 6.18
N GLN A 182 -7.86 -9.65 7.36
CA GLN A 182 -6.44 -9.36 7.50
C GLN A 182 -6.00 -10.51 8.39
N PHE A 183 -4.76 -10.97 8.25
CA PHE A 183 -4.33 -12.10 9.06
C PHE A 183 -2.91 -11.98 9.61
N ALA A 184 -2.70 -12.66 10.74
CA ALA A 184 -1.41 -12.68 11.39
C ALA A 184 -1.06 -14.11 11.73
N VAL A 185 0.24 -14.40 11.81
CA VAL A 185 0.71 -15.73 12.16
C VAL A 185 1.51 -15.63 13.45
N TRP A 186 1.34 -16.65 14.30
CA TRP A 186 2.03 -16.68 15.57
C TRP A 186 3.45 -17.18 15.39
N TRP A 187 4.41 -16.31 15.73
CA TRP A 187 5.83 -16.62 15.63
C TRP A 187 6.29 -17.06 17.02
N PRO A 188 6.27 -18.38 17.29
CA PRO A 188 6.65 -18.97 18.57
C PRO A 188 8.03 -18.60 19.13
N GLU A 189 9.04 -18.56 18.26
CA GLU A 189 10.39 -18.21 18.69
C GLU A 189 10.49 -16.74 19.13
N GLY A 190 9.64 -15.88 18.57
CA GLY A 190 9.69 -14.47 18.91
C GLY A 190 8.59 -14.01 19.83
N GLY A 191 7.67 -14.91 20.15
CA GLY A 191 6.58 -14.59 21.05
C GLY A 191 5.66 -13.45 20.66
N LYS A 192 5.36 -13.29 19.38
CA LYS A 192 4.45 -12.22 18.95
C LYS A 192 3.83 -12.39 17.57
N TRP A 193 2.63 -11.84 17.42
CA TRP A 193 1.89 -11.92 16.16
C TRP A 193 2.52 -11.07 15.07
N LEU A 194 2.49 -11.57 13.85
CA LEU A 194 3.03 -10.84 12.71
C LEU A 194 1.88 -10.63 11.73
N GLU A 195 1.58 -9.39 11.40
CA GLU A 195 0.50 -9.11 10.46
C GLU A 195 1.06 -9.30 9.05
N LEU A 196 0.78 -10.47 8.45
CA LEU A 196 1.27 -10.80 7.12
C LEU A 196 0.57 -10.20 5.92
N GLY A 197 -0.76 -10.25 5.89
CA GLY A 197 -1.44 -9.70 4.73
C GLY A 197 -2.94 -9.65 4.79
N GLY A 198 -3.56 -9.45 3.63
CA GLY A 198 -5.00 -9.37 3.55
C GLY A 198 -5.52 -10.51 2.71
N ALA A 199 -6.82 -10.80 2.82
CA ALA A 199 -7.41 -11.90 2.09
C ALA A 199 -8.93 -11.86 2.17
N GLY A 200 -9.57 -12.87 1.58
CA GLY A 200 -11.03 -12.95 1.60
C GLY A 200 -11.58 -13.77 0.43
N MET A 201 -12.90 -13.82 0.34
CA MET A 201 -13.56 -14.54 -0.73
C MET A 201 -13.70 -13.57 -1.90
N VAL A 202 -13.10 -13.91 -3.04
CA VAL A 202 -13.15 -13.06 -4.23
C VAL A 202 -14.55 -12.45 -4.40
N HIS A 203 -14.59 -11.14 -4.61
CA HIS A 203 -15.85 -10.40 -4.76
C HIS A 203 -16.66 -10.73 -6.03
N PRO A 204 -17.99 -10.79 -5.90
CA PRO A 204 -18.88 -11.09 -7.03
C PRO A 204 -18.63 -10.18 -8.23
N LYS A 205 -18.32 -8.92 -7.97
CA LYS A 205 -18.08 -7.99 -9.06
C LYS A 205 -16.76 -8.28 -9.77
N VAL A 206 -15.79 -8.86 -9.06
CA VAL A 206 -14.53 -9.17 -9.70
C VAL A 206 -14.78 -10.28 -10.71
N PHE A 207 -15.52 -11.30 -10.30
CA PHE A 207 -15.84 -12.39 -11.22
C PHE A 207 -16.63 -11.81 -12.40
N GLN A 208 -17.49 -10.84 -12.15
CA GLN A 208 -18.28 -10.25 -13.22
C GLN A 208 -17.39 -9.46 -14.17
N ALA A 209 -16.44 -8.72 -13.63
CA ALA A 209 -15.52 -7.94 -14.47
C ALA A 209 -14.74 -8.88 -15.37
N VAL A 210 -14.31 -10.00 -14.81
CA VAL A 210 -13.54 -10.99 -15.56
C VAL A 210 -14.30 -11.54 -16.76
N ASP A 211 -15.47 -12.12 -16.53
CA ASP A 211 -16.23 -12.67 -17.63
C ASP A 211 -16.67 -11.60 -18.62
N ALA A 212 -16.94 -10.39 -18.12
CA ALA A 212 -17.35 -9.31 -19.01
C ALA A 212 -16.20 -9.01 -19.95
N TYR A 213 -14.97 -9.04 -19.42
CA TYR A 213 -13.81 -8.77 -20.24
C TYR A 213 -13.58 -9.94 -21.19
N ARG A 214 -13.90 -11.15 -20.72
CA ARG A 214 -13.76 -12.35 -21.53
C ARG A 214 -14.68 -12.24 -22.72
N GLU A 215 -15.89 -11.72 -22.50
CA GLU A 215 -16.82 -11.59 -23.61
C GLU A 215 -16.32 -10.60 -24.64
N ARG A 216 -15.86 -9.44 -24.19
CA ARG A 216 -15.34 -8.48 -25.15
C ARG A 216 -14.34 -9.20 -26.04
N LEU A 217 -13.53 -10.05 -25.41
CA LEU A 217 -12.51 -10.82 -26.12
C LEU A 217 -13.06 -12.05 -26.86
N GLY A 218 -14.36 -12.30 -26.75
CA GLY A 218 -14.94 -13.45 -27.44
C GLY A 218 -14.83 -14.79 -26.74
N LEU A 219 -14.52 -14.79 -25.45
CA LEU A 219 -14.41 -16.05 -24.72
C LEU A 219 -15.72 -16.30 -23.99
N PRO A 220 -16.04 -17.57 -23.72
CA PRO A 220 -17.28 -17.84 -23.01
C PRO A 220 -17.10 -17.51 -21.53
N PRO A 221 -18.19 -17.23 -20.81
CA PRO A 221 -18.03 -16.92 -19.39
C PRO A 221 -17.48 -18.14 -18.69
N ALA A 222 -16.78 -17.96 -17.59
CA ALA A 222 -16.20 -19.09 -16.89
C ALA A 222 -16.27 -19.00 -15.38
N TYR A 223 -16.80 -17.91 -14.85
CA TYR A 223 -16.82 -17.77 -13.41
C TYR A 223 -18.19 -17.55 -12.80
N ARG A 224 -19.22 -17.98 -13.51
CA ARG A 224 -20.58 -17.83 -13.04
C ARG A 224 -20.90 -18.71 -11.83
N GLY A 225 -20.49 -19.97 -11.87
CA GLY A 225 -20.82 -20.85 -10.78
C GLY A 225 -19.69 -21.33 -9.89
N VAL A 226 -18.76 -20.43 -9.61
CA VAL A 226 -17.63 -20.78 -8.77
C VAL A 226 -17.38 -19.70 -7.75
N THR A 227 -16.64 -20.05 -6.72
CA THR A 227 -16.27 -19.11 -5.68
C THR A 227 -14.76 -19.21 -5.58
N GLY A 228 -14.17 -18.44 -4.67
CA GLY A 228 -12.73 -18.49 -4.53
C GLY A 228 -12.18 -17.53 -3.50
N PHE A 229 -10.97 -17.80 -3.02
CA PHE A 229 -10.35 -16.93 -2.06
C PHE A 229 -9.05 -16.46 -2.63
N ALA A 230 -8.55 -15.35 -2.09
CA ALA A 230 -7.30 -14.78 -2.53
C ALA A 230 -6.72 -14.02 -1.35
N PHE A 231 -5.37 -13.90 -1.38
CA PHE A 231 -4.66 -13.23 -0.31
C PHE A 231 -3.44 -12.54 -0.90
N GLY A 232 -2.90 -11.59 -0.14
CA GLY A 232 -1.73 -10.85 -0.58
C GLY A 232 -0.87 -10.57 0.64
N LEU A 233 0.37 -11.02 0.60
CA LEU A 233 1.22 -10.80 1.77
C LEU A 233 2.56 -10.14 1.42
N GLY A 234 3.15 -9.48 2.42
CA GLY A 234 4.41 -8.78 2.22
C GLY A 234 5.63 -9.68 2.34
N VAL A 235 6.37 -9.81 1.24
CA VAL A 235 7.54 -10.65 1.26
C VAL A 235 8.64 -10.08 2.16
N GLU A 236 8.97 -8.80 2.02
CA GLU A 236 10.00 -8.21 2.86
C GLU A 236 9.68 -8.36 4.34
N ARG A 237 8.44 -8.09 4.71
CA ARG A 237 7.99 -8.21 6.10
C ARG A 237 8.28 -9.58 6.68
N LEU A 238 8.05 -10.61 5.87
CA LEU A 238 8.28 -11.98 6.30
C LEU A 238 9.77 -12.31 6.33
N ALA A 239 10.50 -11.78 5.34
CA ALA A 239 11.93 -12.01 5.24
C ALA A 239 12.64 -11.38 6.44
N MET A 240 12.23 -10.16 6.78
CA MET A 240 12.82 -9.44 7.91
C MET A 240 12.76 -10.25 9.19
N LEU A 241 11.57 -10.66 9.57
CA LEU A 241 11.44 -11.43 10.80
C LEU A 241 12.02 -12.84 10.63
N ARG A 242 12.16 -13.29 9.40
CA ARG A 242 12.68 -14.62 9.17
C ARG A 242 14.20 -14.70 9.12
N TYR A 243 14.85 -13.69 8.55
CA TYR A 243 16.31 -13.65 8.45
C TYR A 243 16.90 -12.64 9.43
N GLY A 244 16.05 -12.10 10.30
CA GLY A 244 16.51 -11.13 11.28
C GLY A 244 17.02 -9.82 10.70
N ILE A 245 16.38 -9.31 9.66
CA ILE A 245 16.80 -8.04 9.07
C ILE A 245 16.00 -6.93 9.74
N PRO A 246 16.69 -5.98 10.38
CA PRO A 246 16.12 -4.84 11.11
C PRO A 246 15.56 -3.66 10.32
N ASP A 247 16.02 -3.45 9.10
CA ASP A 247 15.54 -2.30 8.32
C ASP A 247 15.19 -2.70 6.89
N ILE A 248 13.93 -2.50 6.50
CA ILE A 248 13.47 -2.85 5.16
C ILE A 248 14.27 -2.16 4.06
N ARG A 249 14.83 -1.00 4.38
CA ARG A 249 15.60 -0.23 3.41
C ARG A 249 16.91 -0.88 2.96
N TYR A 250 17.34 -1.93 3.65
CA TYR A 250 18.58 -2.61 3.27
C TYR A 250 18.42 -3.34 1.95
N PHE A 251 17.27 -3.98 1.78
CA PHE A 251 16.97 -4.78 0.59
C PHE A 251 17.42 -4.19 -0.72
N PHE A 252 17.03 -2.97 -1.01
CA PHE A 252 17.42 -2.33 -2.26
C PHE A 252 18.69 -1.47 -2.17
N GLY A 253 19.45 -1.63 -1.07
CA GLY A 253 20.68 -0.88 -0.88
C GLY A 253 21.86 -1.30 -1.74
N GLY A 254 21.83 -2.52 -2.25
CA GLY A 254 22.91 -3.00 -3.09
C GLY A 254 24.23 -3.22 -2.36
N ARG A 255 24.26 -3.05 -1.06
CA ARG A 255 25.50 -3.24 -0.32
C ARG A 255 25.95 -4.69 -0.19
N LEU A 256 27.00 -5.04 -0.92
CA LEU A 256 27.55 -6.40 -0.90
C LEU A 256 27.73 -6.98 0.49
N LYS A 257 28.18 -6.15 1.43
CA LYS A 257 28.41 -6.59 2.80
C LYS A 257 27.11 -7.12 3.42
N PHE A 258 26.00 -6.55 2.98
CA PHE A 258 24.68 -6.94 3.45
C PHE A 258 24.24 -8.22 2.74
N LEU A 259 24.28 -8.18 1.42
CA LEU A 259 23.89 -9.32 0.60
C LEU A 259 24.66 -10.59 0.89
N GLU A 260 26.00 -10.49 0.89
CA GLU A 260 26.84 -11.65 1.11
C GLU A 260 26.51 -12.46 2.36
N GLN A 261 25.76 -11.87 3.28
CA GLN A 261 25.40 -12.58 4.49
C GLN A 261 24.36 -13.68 4.30
N PHE A 262 23.83 -13.79 3.09
CA PHE A 262 22.83 -14.80 2.80
C PHE A 262 23.34 -15.86 1.82
N LYS A 263 24.64 -15.88 1.60
CA LYS A 263 25.22 -16.87 0.71
C LYS A 263 24.88 -18.24 1.25
N GLY A 264 24.87 -18.36 2.57
CA GLY A 264 24.55 -19.63 3.18
C GLY A 264 23.09 -20.02 3.05
N VAL A 265 22.19 -19.12 3.48
CA VAL A 265 20.74 -19.34 3.46
C VAL A 265 20.25 -19.91 2.15
N LEU A 266 20.37 -21.23 2.01
CA LEU A 266 19.97 -21.93 0.80
C LEU A 266 20.62 -21.33 -0.47
N MET B 1 -10.36 7.43 14.26
CA MET B 1 -11.40 8.01 15.14
C MET B 1 -11.12 7.69 16.61
N ARG B 2 -11.31 8.68 17.48
CA ARG B 2 -11.08 8.48 18.90
C ARG B 2 -12.33 7.92 19.56
N VAL B 3 -12.16 6.90 20.39
CA VAL B 3 -13.30 6.30 21.06
C VAL B 3 -13.13 6.36 22.58
N PRO B 4 -13.75 7.38 23.22
CA PRO B 4 -13.68 7.54 24.68
C PRO B 4 -14.49 6.43 25.30
N PHE B 5 -13.83 5.56 26.06
CA PHE B 5 -14.50 4.43 26.69
C PHE B 5 -15.84 4.77 27.35
N SER B 6 -15.84 5.69 28.31
CA SER B 6 -17.08 6.00 29.03
C SER B 6 -18.15 6.63 28.15
N TRP B 7 -17.76 7.24 27.05
CA TRP B 7 -18.77 7.82 26.18
C TRP B 7 -19.48 6.64 25.49
N LEU B 8 -18.68 5.74 24.92
CA LEU B 8 -19.24 4.58 24.25
C LEU B 8 -20.04 3.77 25.26
N LYS B 9 -19.53 3.72 26.49
CA LYS B 9 -20.19 2.99 27.56
C LYS B 9 -21.57 3.56 27.87
N ALA B 10 -21.86 4.75 27.36
CA ALA B 10 -23.18 5.34 27.61
C ALA B 10 -24.22 4.66 26.73
N TYR B 11 -23.78 4.11 25.60
CA TYR B 11 -24.69 3.44 24.66
C TYR B 11 -24.61 1.93 24.88
N VAL B 12 -23.46 1.47 25.35
CA VAL B 12 -23.20 0.05 25.61
C VAL B 12 -22.79 -0.07 27.08
N PRO B 13 -23.76 0.11 28.00
CA PRO B 13 -23.55 0.05 29.44
C PRO B 13 -22.79 -1.15 30.02
N GLU B 14 -22.94 -2.32 29.41
CA GLU B 14 -22.29 -3.53 29.91
C GLU B 14 -20.82 -3.77 29.52
N LEU B 15 -20.21 -2.83 28.78
CA LEU B 15 -18.81 -3.03 28.39
C LEU B 15 -17.98 -3.42 29.60
N GLU B 16 -17.26 -4.53 29.49
CA GLU B 16 -16.41 -5.05 30.55
C GLU B 16 -15.23 -4.16 30.91
N SER B 17 -14.54 -3.63 29.89
CA SER B 17 -13.37 -2.77 30.13
C SER B 17 -12.77 -2.27 28.82
N PRO B 18 -11.92 -1.24 28.88
CA PRO B 18 -11.39 -0.82 27.58
C PRO B 18 -10.61 -1.93 26.86
N GLU B 19 -9.95 -2.81 27.62
CA GLU B 19 -9.18 -3.91 27.01
C GLU B 19 -10.11 -4.87 26.27
N VAL B 20 -11.16 -5.34 26.94
CA VAL B 20 -12.10 -6.24 26.29
C VAL B 20 -12.77 -5.51 25.12
N LEU B 21 -13.02 -4.22 25.28
CA LEU B 21 -13.65 -3.47 24.18
C LEU B 21 -12.79 -3.58 22.95
N GLU B 22 -11.49 -3.33 23.11
CA GLU B 22 -10.55 -3.40 22.00
C GLU B 22 -10.61 -4.77 21.34
N GLU B 23 -10.73 -5.79 22.17
CA GLU B 23 -10.81 -7.15 21.70
C GLU B 23 -12.08 -7.28 20.84
N ARG B 24 -13.21 -6.83 21.40
CA ARG B 24 -14.49 -6.87 20.71
C ARG B 24 -14.50 -6.13 19.37
N LEU B 25 -13.86 -4.97 19.30
CA LEU B 25 -13.84 -4.24 18.05
C LEU B 25 -12.93 -4.90 17.01
N ALA B 26 -11.88 -5.58 17.45
CA ALA B 26 -10.98 -6.25 16.52
C ALA B 26 -11.80 -7.32 15.78
N GLY B 27 -12.55 -8.09 16.54
CA GLY B 27 -13.36 -9.13 15.94
C GLY B 27 -14.43 -8.57 15.03
N LEU B 28 -14.93 -7.37 15.35
CA LEU B 28 -15.96 -6.74 14.53
C LEU B 28 -15.37 -6.14 13.26
N GLY B 29 -14.05 -5.98 13.24
CA GLY B 29 -13.39 -5.43 12.07
C GLY B 29 -12.85 -4.03 12.29
N PHE B 30 -12.49 -3.70 13.53
CA PHE B 30 -11.97 -2.39 13.88
C PHE B 30 -10.69 -2.52 14.71
N GLU B 31 -9.57 -2.18 14.08
CA GLU B 31 -8.28 -2.28 14.73
C GLU B 31 -7.95 -1.01 15.51
N THR B 32 -7.55 -1.16 16.76
CA THR B 32 -7.20 0.01 17.53
C THR B 32 -5.68 0.13 17.51
N ASP B 33 -5.18 1.28 17.04
CA ASP B 33 -3.75 1.53 16.95
C ASP B 33 -3.15 1.78 18.32
N ARG B 34 -3.91 2.39 19.23
CA ARG B 34 -3.43 2.63 20.58
C ARG B 34 -4.53 2.94 21.60
N ILE B 35 -4.20 2.79 22.87
CA ILE B 35 -5.14 3.06 23.96
C ILE B 35 -4.48 3.99 24.99
N GLU B 36 -5.15 5.09 25.32
CA GLU B 36 -4.60 6.05 26.28
C GLU B 36 -5.47 6.34 27.49
N ARG B 37 -4.82 6.64 28.61
CA ARG B 37 -5.51 7.04 29.84
C ARG B 37 -5.32 8.56 29.72
N VAL B 38 -6.37 9.36 29.82
CA VAL B 38 -6.15 10.78 29.58
C VAL B 38 -6.41 11.96 30.51
N PHE B 39 -7.28 11.87 31.50
CA PHE B 39 -7.44 13.10 32.27
C PHE B 39 -6.98 13.07 33.72
N PRO B 40 -5.67 12.88 33.95
CA PRO B 40 -5.20 12.85 35.34
C PRO B 40 -5.27 14.28 35.89
N ILE B 41 -6.10 14.47 36.92
CA ILE B 41 -6.25 15.77 37.51
C ILE B 41 -5.91 15.73 38.99
N PRO B 42 -4.86 16.44 39.40
CA PRO B 42 -4.40 16.50 40.79
C PRO B 42 -5.50 17.00 41.72
N ARG B 43 -5.34 16.71 43.01
CA ARG B 43 -6.31 17.12 44.01
C ARG B 43 -6.34 18.63 44.17
N GLY B 44 -5.18 19.26 44.02
CA GLY B 44 -5.08 20.70 44.16
C GLY B 44 -5.93 21.51 43.19
N VAL B 45 -6.46 20.86 42.15
CA VAL B 45 -7.27 21.58 41.19
C VAL B 45 -8.74 21.52 41.56
N VAL B 46 -9.33 22.68 41.86
CA VAL B 46 -10.74 22.69 42.24
C VAL B 46 -11.58 23.59 41.35
N PHE B 47 -12.89 23.42 41.47
CA PHE B 47 -13.83 24.23 40.71
C PHE B 47 -13.95 25.58 41.40
N ALA B 48 -14.02 26.65 40.62
CA ALA B 48 -14.15 27.96 41.20
C ALA B 48 -15.12 28.78 40.37
N ARG B 49 -15.79 29.70 41.03
CA ARG B 49 -16.74 30.57 40.37
C ARG B 49 -16.10 31.94 40.33
N VAL B 50 -16.21 32.62 39.20
CA VAL B 50 -15.65 33.95 39.07
C VAL B 50 -16.70 34.98 39.52
N LEU B 51 -16.52 35.49 40.74
CA LEU B 51 -17.44 36.49 41.28
C LEU B 51 -17.24 37.79 40.55
N GLU B 52 -15.98 38.14 40.32
CA GLU B 52 -15.68 39.37 39.63
C GLU B 52 -14.31 39.39 38.95
N ALA B 53 -14.22 40.15 37.86
CA ALA B 53 -12.97 40.27 37.10
C ALA B 53 -12.58 41.74 36.98
N HIS B 54 -11.49 42.12 37.64
CA HIS B 54 -11.03 43.50 37.61
C HIS B 54 -9.77 43.69 36.80
N PRO B 55 -9.75 44.69 35.93
CA PRO B 55 -8.57 44.96 35.11
C PRO B 55 -7.50 45.65 35.95
N ILE B 56 -6.25 45.26 35.77
CA ILE B 56 -5.17 45.87 36.52
C ILE B 56 -4.65 47.04 35.68
N PRO B 57 -4.86 48.27 36.17
CA PRO B 57 -4.47 49.52 35.53
C PRO B 57 -3.12 49.46 34.87
N GLY B 58 -3.10 49.83 33.60
CA GLY B 58 -1.84 49.86 32.87
C GLY B 58 -1.32 48.53 32.41
N THR B 59 -2.12 47.48 32.53
CA THR B 59 -1.68 46.17 32.08
C THR B 59 -2.81 45.54 31.30
N ARG B 60 -2.49 44.41 30.68
CA ARG B 60 -3.47 43.67 29.90
C ARG B 60 -3.91 42.46 30.72
N LEU B 61 -3.80 42.59 32.04
CA LEU B 61 -4.16 41.52 32.97
C LEU B 61 -5.38 41.87 33.81
N LYS B 62 -5.98 40.87 34.42
CA LYS B 62 -7.14 41.06 35.26
C LYS B 62 -6.95 40.37 36.58
N ARG B 63 -7.47 40.97 37.65
CA ARG B 63 -7.43 40.39 38.98
C ARG B 63 -8.78 39.72 39.08
N LEU B 64 -8.80 38.40 39.21
CA LEU B 64 -10.05 37.68 39.31
C LEU B 64 -10.37 37.34 40.75
N VAL B 65 -11.57 37.71 41.20
CA VAL B 65 -12.00 37.39 42.55
C VAL B 65 -12.80 36.10 42.39
N LEU B 66 -12.27 35.01 42.93
CA LEU B 66 -12.91 33.72 42.79
C LEU B 66 -13.54 33.18 44.07
N ASP B 67 -14.63 32.46 43.89
CA ASP B 67 -15.28 31.80 45.01
C ASP B 67 -14.88 30.35 44.79
N ALA B 68 -13.97 29.86 45.63
CA ALA B 68 -13.50 28.48 45.53
C ALA B 68 -13.63 27.86 46.91
N GLY B 69 -14.75 28.12 47.57
CA GLY B 69 -14.97 27.64 48.91
C GLY B 69 -14.75 28.91 49.72
N ARG B 70 -13.49 29.29 49.84
CA ARG B 70 -13.13 30.54 50.50
C ARG B 70 -12.90 31.47 49.32
N THR B 71 -12.88 32.78 49.55
CA THR B 71 -12.66 33.70 48.45
C THR B 71 -11.16 33.83 48.23
N VAL B 72 -10.74 33.69 46.98
CA VAL B 72 -9.34 33.80 46.67
C VAL B 72 -9.21 34.73 45.49
N GLU B 73 -8.01 35.28 45.33
CA GLU B 73 -7.75 36.19 44.24
C GLU B 73 -6.76 35.51 43.31
N VAL B 74 -6.83 35.82 42.02
CA VAL B 74 -5.94 35.21 41.05
C VAL B 74 -5.75 36.19 39.89
N VAL B 75 -4.55 36.20 39.31
CA VAL B 75 -4.29 37.09 38.18
C VAL B 75 -4.28 36.30 36.87
N SER B 76 -4.92 36.84 35.84
CA SER B 76 -5.00 36.16 34.55
C SER B 76 -4.96 37.13 33.37
N GLY B 77 -4.30 36.72 32.31
CA GLY B 77 -4.22 37.56 31.13
C GLY B 77 -5.08 36.99 30.01
N ALA B 78 -5.82 35.92 30.32
CA ALA B 78 -6.70 35.24 29.37
C ALA B 78 -7.90 36.09 28.93
N GLU B 79 -7.97 36.38 27.63
CA GLU B 79 -9.06 37.20 27.09
C GLU B 79 -10.46 36.77 27.50
N ASN B 80 -10.68 35.49 27.78
CA ASN B 80 -12.03 35.08 28.14
C ASN B 80 -12.34 35.14 29.63
N ALA B 81 -11.36 35.51 30.44
CA ALA B 81 -11.59 35.61 31.89
C ALA B 81 -12.63 36.72 32.10
N ARG B 82 -13.74 36.37 32.74
CA ARG B 82 -14.82 37.31 32.98
C ARG B 82 -15.67 36.74 34.10
N LYS B 83 -16.44 37.58 34.78
CA LYS B 83 -17.26 37.04 35.86
C LYS B 83 -18.45 36.26 35.28
N GLY B 84 -19.03 35.39 36.09
CA GLY B 84 -20.16 34.62 35.64
C GLY B 84 -19.81 33.27 35.04
N ILE B 85 -18.57 32.83 35.19
CA ILE B 85 -18.20 31.53 34.65
C ILE B 85 -17.44 30.74 35.70
N GLY B 86 -17.40 29.43 35.48
CA GLY B 86 -16.67 28.55 36.36
C GLY B 86 -15.31 28.34 35.74
N VAL B 87 -14.32 28.02 36.54
CA VAL B 87 -12.98 27.82 36.04
C VAL B 87 -12.28 26.69 36.78
N ALA B 88 -11.12 26.30 36.29
CA ALA B 88 -10.33 25.25 36.92
C ALA B 88 -9.24 25.94 37.72
N LEU B 89 -9.40 25.98 39.03
CA LEU B 89 -8.43 26.63 39.90
C LEU B 89 -7.37 25.65 40.37
N ALA B 90 -6.11 26.00 40.13
CA ALA B 90 -5.00 25.18 40.59
C ALA B 90 -4.50 25.90 41.84
N LEU B 91 -4.86 25.37 43.01
CA LEU B 91 -4.44 25.97 44.26
C LEU B 91 -2.93 25.84 44.37
N PRO B 92 -2.28 26.76 45.11
CA PRO B 92 -0.82 26.65 45.24
C PRO B 92 -0.50 25.31 45.86
N GLY B 93 0.53 24.64 45.34
CA GLY B 93 0.90 23.33 45.83
C GLY B 93 0.52 22.23 44.86
N THR B 94 -0.15 22.60 43.77
CA THR B 94 -0.58 21.65 42.76
C THR B 94 0.51 21.30 41.74
N GLU B 95 0.50 20.05 41.28
CA GLU B 95 1.45 19.59 40.28
C GLU B 95 0.70 19.44 38.97
N LEU B 96 0.92 20.34 38.03
CA LEU B 96 0.22 20.25 36.76
C LEU B 96 0.92 19.29 35.81
N PRO B 97 0.14 18.37 35.22
CA PRO B 97 0.58 17.33 34.27
C PRO B 97 1.75 17.67 33.38
N GLY B 98 1.90 18.94 33.00
CA GLY B 98 3.00 19.28 32.12
C GLY B 98 3.84 20.53 32.30
N LEU B 99 3.96 21.05 33.52
CA LEU B 99 4.79 22.24 33.70
C LEU B 99 5.86 22.03 34.77
N GLY B 100 5.81 20.87 35.44
CA GLY B 100 6.78 20.53 36.47
C GLY B 100 7.16 21.59 37.48
N GLN B 101 6.61 22.79 37.34
CA GLN B 101 6.90 23.88 38.27
C GLN B 101 5.74 24.02 39.23
N LYS B 102 5.68 23.12 40.20
CA LYS B 102 4.61 23.10 41.20
C LYS B 102 3.97 24.48 41.34
N VAL B 103 2.67 24.55 41.07
CA VAL B 103 1.93 25.80 41.16
C VAL B 103 2.03 26.38 42.56
N GLY B 104 2.36 27.66 42.64
CA GLY B 104 2.47 28.30 43.94
C GLY B 104 1.77 29.64 43.96
N GLU B 105 1.68 30.23 45.15
CA GLU B 105 1.06 31.53 45.27
C GLU B 105 2.13 32.53 44.91
N ARG B 106 1.88 33.40 43.93
CA ARG B 106 2.89 34.39 43.60
C ARG B 106 2.33 35.78 43.34
N VAL B 107 3.19 36.78 43.57
CA VAL B 107 2.79 38.17 43.38
C VAL B 107 2.95 38.59 41.94
N ILE B 108 1.86 39.07 41.34
CA ILE B 108 1.91 39.52 39.96
C ILE B 108 1.28 40.90 39.83
N GLN B 109 2.01 41.79 39.18
CA GLN B 109 1.55 43.15 38.95
C GLN B 109 0.74 43.70 40.11
N GLY B 110 1.30 43.64 41.32
CA GLY B 110 0.61 44.18 42.48
C GLY B 110 -0.36 43.31 43.25
N VAL B 111 -0.78 42.18 42.69
CA VAL B 111 -1.72 41.34 43.41
C VAL B 111 -1.21 39.93 43.68
N ARG B 112 -1.59 39.38 44.83
CA ARG B 112 -1.17 38.03 45.20
C ARG B 112 -2.10 37.05 44.49
N SER B 113 -1.54 36.30 43.55
CA SER B 113 -2.31 35.32 42.80
C SER B 113 -2.22 34.00 43.56
N PHE B 114 -3.33 33.63 44.18
CA PHE B 114 -3.38 32.39 44.96
C PHE B 114 -3.61 31.21 44.01
N GLY B 115 -2.56 30.83 43.30
CA GLY B 115 -2.69 29.75 42.35
C GLY B 115 -3.06 30.42 41.04
N MET B 116 -3.54 29.64 40.08
CA MET B 116 -3.92 30.20 38.79
C MET B 116 -5.07 29.42 38.17
N ALA B 117 -5.86 30.11 37.34
CA ALA B 117 -6.98 29.51 36.61
C ALA B 117 -6.37 28.85 35.38
N LEU B 118 -6.84 27.66 35.04
CA LEU B 118 -6.24 26.93 33.92
C LEU B 118 -6.83 26.98 32.51
N SER B 119 -5.99 26.67 31.55
CA SER B 119 -6.39 26.60 30.16
C SER B 119 -6.47 25.08 29.89
N PRO B 120 -7.05 24.68 28.75
CA PRO B 120 -7.16 23.25 28.42
C PRO B 120 -5.78 22.58 28.45
N ARG B 121 -4.80 23.30 27.91
CA ARG B 121 -3.44 22.81 27.84
C ARG B 121 -2.75 22.71 29.20
N GLU B 122 -2.99 23.66 30.08
CA GLU B 122 -2.37 23.61 31.39
C GLU B 122 -2.93 22.46 32.22
N LEU B 123 -4.24 22.23 32.15
CA LEU B 123 -4.83 21.14 32.91
C LEU B 123 -4.44 19.79 32.32
N GLY B 124 -4.14 19.80 31.02
CA GLY B 124 -3.75 18.57 30.34
C GLY B 124 -4.89 17.86 29.65
N VAL B 125 -5.98 18.56 29.34
CA VAL B 125 -7.14 17.96 28.70
C VAL B 125 -7.24 18.24 27.20
N GLY B 126 -6.51 19.25 26.73
CA GLY B 126 -6.53 19.61 25.33
C GLY B 126 -5.29 20.39 24.95
N GLU B 127 -5.09 20.66 23.66
CA GLU B 127 -3.92 21.39 23.21
C GLU B 127 -4.10 22.90 23.28
N TYR B 128 -5.35 23.35 23.32
CA TYR B 128 -5.63 24.78 23.37
C TYR B 128 -5.12 25.46 24.63
N GLY B 129 -4.30 26.49 24.46
CA GLY B 129 -3.76 27.21 25.60
C GLY B 129 -3.99 28.71 25.53
N GLY B 130 -4.83 29.15 24.60
CA GLY B 130 -5.08 30.58 24.46
C GLY B 130 -6.16 31.20 25.33
N GLY B 131 -6.76 30.41 26.22
CA GLY B 131 -7.82 30.94 27.07
C GLY B 131 -8.12 29.96 28.18
N LEU B 132 -8.94 30.37 29.15
CA LEU B 132 -9.26 29.50 30.27
C LEU B 132 -10.37 28.51 29.95
N LEU B 133 -10.45 27.43 30.71
CA LEU B 133 -11.54 26.47 30.54
C LEU B 133 -12.77 27.26 31.02
N GLU B 134 -13.89 27.15 30.31
CA GLU B 134 -15.10 27.86 30.72
C GLU B 134 -16.19 26.89 31.13
N PHE B 135 -16.39 26.73 32.43
CA PHE B 135 -17.42 25.82 32.91
C PHE B 135 -18.67 26.61 33.26
N PRO B 136 -19.79 25.90 33.48
CA PRO B 136 -21.02 26.60 33.83
C PRO B 136 -20.71 27.11 35.24
N GLU B 137 -21.07 28.35 35.53
CA GLU B 137 -20.81 28.95 36.83
C GLU B 137 -21.24 28.11 38.03
N ASP B 138 -22.31 27.34 37.88
CA ASP B 138 -22.83 26.50 38.96
C ASP B 138 -22.54 25.00 38.81
N ALA B 139 -21.64 24.65 37.90
CA ALA B 139 -21.32 23.25 37.66
C ALA B 139 -21.10 22.43 38.93
N LEU B 140 -20.49 23.04 39.93
CA LEU B 140 -20.22 22.32 41.18
C LEU B 140 -20.16 23.27 42.37
N PRO B 141 -20.17 22.71 43.58
CA PRO B 141 -20.10 23.55 44.77
C PRO B 141 -18.68 24.11 44.77
N PRO B 142 -18.53 25.44 44.87
CA PRO B 142 -17.20 26.04 44.86
C PRO B 142 -16.19 25.32 45.76
N GLY B 143 -15.01 25.05 45.22
CA GLY B 143 -13.97 24.39 45.99
C GLY B 143 -13.89 22.88 45.82
N THR B 144 -14.95 22.24 45.32
CA THR B 144 -14.92 20.79 45.16
C THR B 144 -13.85 20.42 44.12
N PRO B 145 -13.02 19.42 44.42
CA PRO B 145 -11.95 18.96 43.53
C PRO B 145 -12.50 18.57 42.15
N LEU B 146 -11.99 19.22 41.10
CA LEU B 146 -12.47 18.94 39.74
C LEU B 146 -12.50 17.45 39.40
N SER B 147 -11.56 16.68 39.96
CA SER B 147 -11.51 15.23 39.74
C SER B 147 -12.89 14.62 39.85
N GLU B 148 -13.58 14.98 40.92
CA GLU B 148 -14.91 14.46 41.20
C GLU B 148 -15.95 14.58 40.10
N ALA B 149 -15.76 15.52 39.18
CA ALA B 149 -16.71 15.68 38.09
C ALA B 149 -16.01 15.51 36.77
N TRP B 150 -14.72 15.17 36.84
CA TRP B 150 -13.92 14.99 35.65
C TRP B 150 -12.92 13.87 35.88
N PRO B 151 -13.42 12.62 35.95
CA PRO B 151 -12.60 11.43 36.16
C PRO B 151 -11.76 11.16 34.94
N GLU B 152 -10.70 10.36 35.11
CA GLU B 152 -9.82 10.02 34.00
C GLU B 152 -10.62 9.23 32.95
N GLU B 153 -10.08 9.19 31.74
CA GLU B 153 -10.76 8.50 30.66
C GLU B 153 -9.78 7.66 29.85
N VAL B 154 -10.29 6.59 29.26
CA VAL B 154 -9.45 5.75 28.43
C VAL B 154 -9.99 5.94 27.03
N VAL B 155 -9.10 6.30 26.12
CA VAL B 155 -9.49 6.56 24.75
C VAL B 155 -8.81 5.61 23.79
N LEU B 156 -9.61 4.94 22.95
CA LEU B 156 -9.06 4.03 21.97
C LEU B 156 -8.94 4.76 20.64
N ASP B 157 -7.85 4.51 19.92
CA ASP B 157 -7.64 5.11 18.62
C ASP B 157 -8.04 4.05 17.59
N LEU B 158 -9.25 4.18 17.06
CA LEU B 158 -9.82 3.22 16.13
C LEU B 158 -9.71 3.51 14.64
N GLU B 159 -9.34 2.48 13.89
CA GLU B 159 -9.27 2.59 12.45
C GLU B 159 -10.68 2.27 11.97
N VAL B 160 -11.27 3.14 11.16
CA VAL B 160 -12.61 2.92 10.65
C VAL B 160 -12.55 2.94 9.14
N THR B 161 -12.48 1.74 8.55
CA THR B 161 -12.37 1.62 7.12
C THR B 161 -13.53 2.30 6.36
N PRO B 162 -13.27 2.76 5.14
CA PRO B 162 -14.22 3.46 4.26
C PRO B 162 -15.57 2.80 4.06
N ASN B 163 -15.64 1.49 4.27
CA ASN B 163 -16.88 0.76 4.07
C ASN B 163 -17.83 0.87 5.27
N ARG B 164 -17.39 1.48 6.37
CA ARG B 164 -18.26 1.60 7.54
C ARG B 164 -18.47 3.03 8.00
N PRO B 165 -18.96 3.90 7.11
CA PRO B 165 -19.19 5.30 7.50
C PRO B 165 -20.09 5.40 8.75
N ASP B 166 -20.98 4.43 8.94
CA ASP B 166 -21.85 4.44 10.11
C ASP B 166 -21.02 4.29 11.40
N ALA B 167 -19.77 3.85 11.27
CA ALA B 167 -18.90 3.66 12.44
C ALA B 167 -18.16 4.95 12.81
N LEU B 168 -18.41 6.01 12.05
CA LEU B 168 -17.78 7.29 12.35
C LEU B 168 -18.67 7.97 13.41
N GLY B 169 -19.61 7.19 13.93
CA GLY B 169 -20.50 7.68 14.96
C GLY B 169 -20.46 6.66 16.07
N LEU B 170 -20.18 7.10 17.29
CA LEU B 170 -20.13 6.19 18.43
C LEU B 170 -21.38 5.29 18.53
N LEU B 171 -22.55 5.82 18.17
CA LEU B 171 -23.77 5.02 18.22
C LEU B 171 -23.72 3.91 17.17
N GLY B 172 -23.05 4.19 16.05
CA GLY B 172 -22.91 3.20 15.01
C GLY B 172 -22.06 2.06 15.56
N LEU B 173 -20.99 2.41 16.27
CA LEU B 173 -20.11 1.40 16.85
C LEU B 173 -20.90 0.58 17.86
N ALA B 174 -21.65 1.26 18.72
CA ALA B 174 -22.45 0.60 19.73
C ALA B 174 -23.44 -0.41 19.15
N ARG B 175 -23.98 -0.12 17.98
CA ARG B 175 -24.93 -1.05 17.37
C ARG B 175 -24.21 -2.35 17.01
N ASP B 176 -22.98 -2.24 16.51
CA ASP B 176 -22.21 -3.42 16.15
C ASP B 176 -22.00 -4.25 17.41
N LEU B 177 -21.59 -3.59 18.50
CA LEU B 177 -21.37 -4.27 19.76
C LEU B 177 -22.69 -4.90 20.21
N HIS B 178 -23.79 -4.25 19.86
CA HIS B 178 -25.09 -4.77 20.22
C HIS B 178 -25.29 -6.11 19.53
N ALA B 179 -24.92 -6.18 18.25
CA ALA B 179 -25.06 -7.42 17.46
C ALA B 179 -24.38 -8.59 18.17
N LEU B 180 -23.27 -8.32 18.84
CA LEU B 180 -22.52 -9.34 19.59
C LEU B 180 -23.31 -9.81 20.79
N GLY B 181 -24.32 -9.07 21.19
CA GLY B 181 -25.12 -9.48 22.33
C GLY B 181 -25.32 -8.43 23.41
N TYR B 182 -24.48 -7.39 23.41
CA TYR B 182 -24.57 -6.30 24.39
C TYR B 182 -25.88 -5.52 24.31
N ALA B 183 -26.39 -5.10 25.47
CA ALA B 183 -27.61 -4.32 25.52
C ALA B 183 -27.27 -2.98 24.88
N LEU B 184 -28.20 -2.39 24.14
CA LEU B 184 -27.98 -1.11 23.48
C LEU B 184 -28.87 -0.02 24.07
N VAL B 185 -28.27 1.12 24.40
CA VAL B 185 -29.07 2.21 24.93
C VAL B 185 -29.04 3.41 23.97
N GLU B 186 -30.15 3.66 23.31
CA GLU B 186 -30.23 4.78 22.39
C GLU B 186 -30.77 5.97 23.16
N PRO B 187 -30.19 7.14 22.94
CA PRO B 187 -30.67 8.32 23.65
C PRO B 187 -32.09 8.70 23.23
N GLU B 188 -32.92 9.07 24.20
CA GLU B 188 -34.29 9.48 23.90
C GLU B 188 -34.28 10.99 23.71
N ALA B 189 -34.75 11.44 22.55
CA ALA B 189 -34.78 12.86 22.26
C ALA B 189 -36.05 13.51 22.80
N ALA B 190 -36.14 13.64 24.12
CA ALA B 190 -37.32 14.25 24.75
C ALA B 190 -37.49 15.70 24.28
N LEU B 191 -38.54 15.93 23.51
CA LEU B 191 -38.80 17.25 22.97
C LEU B 191 -40.15 17.87 23.34
N LYS B 192 -40.12 19.16 23.64
CA LYS B 192 -41.33 19.90 23.98
C LYS B 192 -41.42 21.00 22.92
N ALA B 193 -41.86 20.62 21.72
CA ALA B 193 -41.97 21.55 20.61
C ALA B 193 -43.23 22.40 20.66
N GLU B 194 -43.25 23.43 19.82
CA GLU B 194 -44.36 24.36 19.74
C GLU B 194 -44.74 24.50 18.27
N ALA B 195 -46.03 24.53 17.99
CA ALA B 195 -46.50 24.65 16.62
C ALA B 195 -46.60 26.09 16.14
N LEU B 196 -45.48 26.60 15.61
CA LEU B 196 -45.44 27.96 15.09
C LEU B 196 -44.64 27.95 13.79
N PRO B 197 -44.83 28.96 12.95
CA PRO B 197 -44.09 29.01 11.68
C PRO B 197 -42.60 29.33 11.86
N LEU B 198 -41.78 28.91 10.91
CA LEU B 198 -40.35 29.19 11.02
C LEU B 198 -40.13 30.54 10.32
N PRO B 199 -39.49 31.49 11.03
CA PRO B 199 -39.22 32.83 10.52
C PRO B 199 -38.21 32.93 9.39
N PHE B 200 -38.17 31.90 8.54
CA PHE B 200 -37.24 31.89 7.41
C PHE B 200 -37.67 30.78 6.45
N ALA B 201 -37.13 30.81 5.24
CA ALA B 201 -37.47 29.81 4.23
C ALA B 201 -36.28 29.00 3.72
N LEU B 202 -36.57 27.89 3.05
CA LEU B 202 -35.51 27.03 2.50
C LEU B 202 -35.65 26.88 1.00
N LYS B 203 -34.57 27.14 0.27
CA LYS B 203 -34.60 27.01 -1.17
C LYS B 203 -33.42 26.14 -1.58
N VAL B 204 -33.70 24.91 -2.02
CA VAL B 204 -32.63 24.01 -2.44
C VAL B 204 -32.47 24.12 -3.95
N GLU B 205 -31.58 25.00 -4.37
CA GLU B 205 -31.33 25.25 -5.79
C GLU B 205 -30.51 24.17 -6.51
N ASP B 206 -29.77 23.36 -5.77
CA ASP B 206 -28.95 22.31 -6.37
C ASP B 206 -29.14 20.99 -5.64
N PRO B 207 -30.23 20.26 -5.94
CA PRO B 207 -30.56 18.97 -5.32
C PRO B 207 -29.48 17.92 -5.54
N GLU B 208 -28.81 18.00 -6.69
CA GLU B 208 -27.74 17.06 -6.98
C GLU B 208 -26.70 17.15 -5.86
N GLY B 209 -26.47 18.36 -5.38
CA GLY B 209 -25.50 18.56 -4.31
C GLY B 209 -26.06 18.24 -2.93
N ALA B 210 -27.33 18.56 -2.70
CA ALA B 210 -27.94 18.31 -1.41
C ALA B 210 -29.22 17.48 -1.58
N PRO B 211 -29.05 16.16 -1.82
CA PRO B 211 -30.14 15.20 -2.01
C PRO B 211 -31.20 15.19 -0.92
N HIS B 212 -30.80 15.48 0.32
CA HIS B 212 -31.74 15.54 1.44
C HIS B 212 -31.24 16.68 2.31
N PHE B 213 -32.08 17.68 2.54
CA PHE B 213 -31.67 18.82 3.34
C PHE B 213 -32.77 19.26 4.29
N THR B 214 -32.44 19.42 5.57
CA THR B 214 -33.43 19.85 6.55
C THR B 214 -32.92 20.99 7.43
N LEU B 215 -33.86 21.82 7.90
CA LEU B 215 -33.54 22.93 8.77
C LEU B 215 -34.41 22.88 10.01
N GLY B 216 -33.79 22.97 11.18
CA GLY B 216 -34.54 22.99 12.43
C GLY B 216 -34.57 24.42 12.93
N TYR B 217 -35.53 24.74 13.79
CA TYR B 217 -35.65 26.08 14.32
C TYR B 217 -35.66 26.08 15.85
N ALA B 218 -34.65 26.71 16.45
CA ALA B 218 -34.53 26.80 17.90
C ALA B 218 -34.33 28.26 18.31
N PHE B 219 -35.17 28.74 19.23
CA PHE B 219 -35.07 30.14 19.67
C PHE B 219 -35.12 30.27 21.19
N GLY B 220 -35.05 31.51 21.68
CA GLY B 220 -35.07 31.74 23.11
C GLY B 220 -33.83 31.10 23.73
N LEU B 221 -32.78 31.03 22.92
CA LEU B 221 -31.53 30.41 23.36
C LEU B 221 -30.78 31.17 24.43
N ARG B 222 -30.19 30.43 25.35
CA ARG B 222 -29.40 31.02 26.41
C ARG B 222 -28.01 30.38 26.26
N VAL B 223 -27.24 30.86 25.30
CA VAL B 223 -25.91 30.35 25.03
C VAL B 223 -24.96 30.47 26.23
N ALA B 224 -24.31 29.37 26.58
CA ALA B 224 -23.40 29.35 27.72
C ALA B 224 -22.44 28.15 27.66
N PRO B 225 -21.53 28.05 28.64
CA PRO B 225 -20.61 26.92 28.58
C PRO B 225 -21.40 25.61 28.70
N SER B 226 -20.88 24.54 28.10
CA SER B 226 -21.53 23.24 28.16
C SER B 226 -21.25 22.63 29.52
N PRO B 227 -22.05 21.61 29.91
CA PRO B 227 -21.91 20.90 31.18
C PRO B 227 -20.56 20.18 31.18
N LEU B 228 -20.04 19.89 32.37
CA LEU B 228 -18.76 19.20 32.49
C LEU B 228 -18.74 17.86 31.78
N TRP B 229 -19.82 17.10 31.86
CA TRP B 229 -19.85 15.81 31.20
C TRP B 229 -19.62 15.95 29.70
N MET B 230 -20.22 16.98 29.10
CA MET B 230 -20.05 17.18 27.67
C MET B 230 -18.69 17.74 27.26
N GLN B 231 -18.11 18.59 28.10
CA GLN B 231 -16.81 19.13 27.75
C GLN B 231 -15.79 18.00 27.88
N ARG B 232 -15.95 17.18 28.90
CA ARG B 232 -15.04 16.06 29.10
C ARG B 232 -15.13 15.12 27.90
N ALA B 233 -16.35 14.90 27.42
CA ALA B 233 -16.58 14.01 26.27
C ALA B 233 -15.92 14.53 24.99
N LEU B 234 -16.19 15.79 24.64
CA LEU B 234 -15.61 16.36 23.44
C LEU B 234 -14.09 16.41 23.47
N PHE B 235 -13.53 16.84 24.61
CA PHE B 235 -12.07 16.92 24.77
C PHE B 235 -11.48 15.53 24.58
N ALA B 236 -12.13 14.51 25.13
CA ALA B 236 -11.63 13.13 25.00
C ALA B 236 -11.64 12.69 23.55
N ALA B 237 -12.52 13.29 22.75
CA ALA B 237 -12.63 12.90 21.36
C ALA B 237 -11.78 13.78 20.46
N GLY B 238 -10.93 14.60 21.08
CA GLY B 238 -10.06 15.45 20.28
C GLY B 238 -10.67 16.75 19.82
N MET B 239 -11.83 17.12 20.36
CA MET B 239 -12.44 18.40 19.97
C MET B 239 -12.44 19.37 21.14
N ARG B 240 -12.56 20.65 20.84
CA ARG B 240 -12.56 21.68 21.86
C ARG B 240 -13.93 22.33 22.04
N PRO B 241 -14.47 22.27 23.27
CA PRO B 241 -15.78 22.89 23.49
C PRO B 241 -15.72 24.40 23.25
N ILE B 242 -16.80 24.95 22.71
CA ILE B 242 -16.92 26.37 22.39
C ILE B 242 -18.05 26.92 23.27
N ASN B 243 -19.21 26.28 23.18
CA ASN B 243 -20.38 26.66 23.96
C ASN B 243 -21.57 25.76 23.69
N ASN B 244 -22.57 25.90 24.54
CA ASN B 244 -23.85 25.22 24.44
C ASN B 244 -24.20 24.63 23.05
N VAL B 245 -24.60 25.55 22.18
CA VAL B 245 -25.05 25.25 20.86
C VAL B 245 -24.02 24.54 19.99
N VAL B 246 -22.86 25.16 19.83
CA VAL B 246 -21.85 24.57 19.00
C VAL B 246 -21.49 23.18 19.52
N ASP B 247 -21.24 23.09 20.81
CA ASP B 247 -20.88 21.83 21.43
C ASP B 247 -21.89 20.73 21.12
N VAL B 248 -23.18 21.04 21.23
CA VAL B 248 -24.20 20.05 20.92
C VAL B 248 -24.06 19.56 19.49
N THR B 249 -23.89 20.49 18.54
CA THR B 249 -23.74 20.07 17.15
C THR B 249 -22.54 19.16 16.94
N ASN B 250 -21.47 19.37 17.70
CA ASN B 250 -20.31 18.50 17.55
C ASN B 250 -20.55 17.16 18.25
N TYR B 251 -21.19 17.21 19.41
CA TYR B 251 -21.47 16.01 20.17
C TYR B 251 -22.29 15.04 19.32
N VAL B 252 -23.38 15.54 18.75
CA VAL B 252 -24.25 14.70 17.94
C VAL B 252 -23.55 14.17 16.71
N MET B 253 -22.72 15.00 16.10
CA MET B 253 -21.97 14.58 14.92
C MET B 253 -21.20 13.32 15.28
N LEU B 254 -20.43 13.40 16.36
CA LEU B 254 -19.63 12.28 16.80
C LEU B 254 -20.49 11.10 17.22
N GLU B 255 -21.67 11.40 17.75
CA GLU B 255 -22.55 10.33 18.19
C GLU B 255 -23.13 9.51 17.04
N ARG B 256 -23.64 10.17 16.03
CA ARG B 256 -24.28 9.43 14.97
C ARG B 256 -23.83 9.73 13.56
N ALA B 257 -22.54 10.01 13.40
CA ALA B 257 -21.95 10.29 12.09
C ALA B 257 -22.82 11.21 11.24
N GLN B 258 -23.25 12.32 11.82
CA GLN B 258 -24.11 13.25 11.12
C GLN B 258 -23.67 14.71 11.35
N PRO B 259 -22.83 15.24 10.45
CA PRO B 259 -22.41 16.63 10.65
C PRO B 259 -23.63 17.53 10.60
N MET B 260 -23.64 18.57 11.44
CA MET B 260 -24.73 19.53 11.49
C MET B 260 -24.17 20.89 11.90
N HIS B 261 -24.77 21.96 11.42
CA HIS B 261 -24.27 23.28 11.73
C HIS B 261 -25.39 24.23 12.14
N ALA B 262 -25.11 25.03 13.17
CA ALA B 262 -26.08 26.01 13.66
C ALA B 262 -25.74 27.40 13.13
N PHE B 263 -26.68 28.03 12.44
CA PHE B 263 -26.47 29.36 11.90
C PHE B 263 -27.27 30.38 12.72
N ASP B 264 -26.62 31.45 13.18
CA ASP B 264 -27.30 32.49 13.93
C ASP B 264 -28.27 33.16 12.96
N LEU B 265 -29.56 33.20 13.29
CA LEU B 265 -30.53 33.79 12.36
C LEU B 265 -30.27 35.24 11.95
N ARG B 266 -29.60 36.00 12.82
CA ARG B 266 -29.26 37.39 12.55
C ARG B 266 -28.73 37.54 11.14
N PHE B 267 -28.03 36.51 10.66
CA PHE B 267 -27.39 36.53 9.36
C PHE B 267 -28.07 35.79 8.22
N VAL B 268 -29.09 34.99 8.54
CA VAL B 268 -29.78 34.23 7.51
C VAL B 268 -30.64 35.10 6.61
N GLY B 269 -31.18 36.17 7.17
CA GLY B 269 -32.03 37.04 6.37
C GLY B 269 -33.40 36.37 6.18
N GLU B 270 -33.87 36.35 4.95
CA GLU B 270 -35.18 35.77 4.66
C GLU B 270 -35.19 34.24 4.60
N GLY B 271 -34.03 33.65 4.32
CA GLY B 271 -33.96 32.19 4.26
C GLY B 271 -32.63 31.60 3.87
N ILE B 272 -32.57 30.28 3.91
CA ILE B 272 -31.36 29.54 3.54
C ILE B 272 -31.51 29.06 2.10
N ALA B 273 -30.46 29.25 1.32
CA ALA B 273 -30.46 28.82 -0.07
C ALA B 273 -29.26 27.89 -0.25
N VAL B 274 -29.52 26.66 -0.67
CA VAL B 274 -28.43 25.69 -0.90
C VAL B 274 -28.14 25.78 -2.39
N ARG B 275 -26.95 26.22 -2.74
CA ARG B 275 -26.60 26.41 -4.15
C ARG B 275 -25.12 26.44 -4.40
N ARG B 276 -24.77 26.52 -5.67
CA ARG B 276 -23.38 26.61 -6.08
C ARG B 276 -22.95 28.07 -5.90
N ALA B 277 -21.66 28.27 -5.69
CA ALA B 277 -21.12 29.61 -5.53
C ALA B 277 -20.99 30.28 -6.90
N ARG B 278 -20.93 31.61 -6.93
CA ARG B 278 -20.74 32.32 -8.18
C ARG B 278 -19.22 32.47 -8.26
N GLU B 279 -18.67 32.51 -9.48
CA GLU B 279 -17.22 32.64 -9.63
C GLU B 279 -16.67 33.80 -8.83
N GLY B 280 -15.62 33.51 -8.05
CA GLY B 280 -14.99 34.54 -7.24
C GLY B 280 -15.67 34.82 -5.92
N GLU B 281 -16.94 34.46 -5.79
CA GLU B 281 -17.71 34.69 -4.56
C GLU B 281 -16.84 34.39 -3.35
N ARG B 282 -16.73 35.35 -2.44
CA ARG B 282 -15.90 35.20 -1.25
C ARG B 282 -16.67 34.65 -0.05
N LEU B 283 -15.92 34.06 0.88
CA LEU B 283 -16.51 33.48 2.08
C LEU B 283 -15.41 33.31 3.11
N LYS B 284 -15.57 33.96 4.25
CA LYS B 284 -14.60 33.85 5.32
C LYS B 284 -15.10 32.74 6.22
N THR B 285 -14.33 31.66 6.34
CA THR B 285 -14.73 30.53 7.15
C THR B 285 -14.41 30.69 8.64
N LEU B 286 -14.99 29.80 9.44
CA LEU B 286 -14.81 29.80 10.89
C LEU B 286 -13.36 29.77 11.34
N ASP B 287 -12.48 29.19 10.53
CA ASP B 287 -11.08 29.14 10.92
C ASP B 287 -10.50 30.55 10.79
N GLY B 288 -11.33 31.46 10.32
CA GLY B 288 -10.91 32.84 10.17
C GLY B 288 -10.14 33.06 8.88
N VAL B 289 -10.27 32.13 7.95
CA VAL B 289 -9.58 32.23 6.68
C VAL B 289 -10.47 32.76 5.58
N GLU B 290 -10.01 33.82 4.93
CA GLU B 290 -10.75 34.45 3.84
C GLU B 290 -10.51 33.57 2.61
N ARG B 291 -11.58 33.07 2.01
CA ARG B 291 -11.45 32.19 0.85
C ARG B 291 -12.21 32.66 -0.37
N THR B 292 -11.81 32.16 -1.53
CA THR B 292 -12.46 32.50 -2.78
C THR B 292 -13.11 31.21 -3.25
N LEU B 293 -14.39 31.26 -3.59
CA LEU B 293 -15.09 30.06 -4.01
C LEU B 293 -15.01 29.74 -5.49
N HIS B 294 -15.26 28.47 -5.79
CA HIS B 294 -15.25 27.94 -7.15
C HIS B 294 -16.70 27.70 -7.55
N PRO B 295 -17.06 27.99 -8.81
CA PRO B 295 -18.47 27.78 -9.18
C PRO B 295 -18.98 26.35 -8.97
N GLU B 296 -18.09 25.45 -8.55
CA GLU B 296 -18.47 24.05 -8.30
C GLU B 296 -18.80 23.78 -6.83
N ASP B 297 -18.33 24.67 -5.96
CA ASP B 297 -18.57 24.54 -4.53
C ASP B 297 -20.03 24.75 -4.18
N LEU B 298 -20.58 23.80 -3.42
CA LEU B 298 -21.97 23.88 -2.97
C LEU B 298 -21.90 24.73 -1.70
N VAL B 299 -22.83 25.66 -1.57
CA VAL B 299 -22.81 26.57 -0.44
C VAL B 299 -24.15 26.73 0.27
N ILE B 300 -24.08 27.03 1.56
CA ILE B 300 -25.28 27.29 2.34
C ILE B 300 -25.33 28.82 2.30
N ALA B 301 -26.26 29.36 1.52
CA ALA B 301 -26.38 30.79 1.38
C ALA B 301 -27.60 31.34 2.06
N GLY B 302 -27.58 32.66 2.23
CA GLY B 302 -28.70 33.34 2.83
C GLY B 302 -29.03 34.41 1.81
N TRP B 303 -30.23 34.96 1.87
CA TRP B 303 -30.59 36.01 0.92
C TRP B 303 -31.47 37.03 1.61
N ARG B 304 -31.39 38.26 1.14
CA ARG B 304 -32.18 39.36 1.69
C ARG B 304 -32.51 40.27 0.51
N GLY B 305 -33.76 40.28 0.11
CA GLY B 305 -34.13 41.10 -1.04
C GLY B 305 -33.54 40.50 -2.30
N GLU B 306 -32.68 41.25 -2.99
CA GLU B 306 -32.08 40.76 -4.22
C GLU B 306 -30.64 40.30 -4.03
N GLU B 307 -30.11 40.49 -2.83
CA GLU B 307 -28.74 40.07 -2.56
C GLU B 307 -28.69 38.66 -1.99
N SER B 308 -27.70 37.90 -2.44
CA SER B 308 -27.51 36.54 -1.98
C SER B 308 -26.07 36.46 -1.48
N PHE B 309 -25.90 35.89 -0.29
CA PHE B 309 -24.59 35.77 0.33
C PHE B 309 -24.33 34.38 0.88
N PRO B 310 -23.08 33.92 0.82
CA PRO B 310 -22.65 32.61 1.31
C PRO B 310 -22.50 32.63 2.83
N LEU B 311 -23.02 31.62 3.52
CA LEU B 311 -22.89 31.57 4.96
C LEU B 311 -21.94 30.46 5.38
N GLY B 312 -21.62 29.57 4.45
CA GLY B 312 -20.73 28.48 4.76
C GLY B 312 -20.48 27.51 3.62
N LEU B 313 -19.37 26.78 3.71
CA LEU B 313 -19.02 25.78 2.71
C LEU B 313 -19.78 24.50 3.00
N ALA B 314 -20.84 24.28 2.23
CA ALA B 314 -21.68 23.11 2.43
C ALA B 314 -20.89 21.82 2.69
N GLY B 315 -21.21 21.17 3.80
CA GLY B 315 -20.57 19.91 4.15
C GLY B 315 -19.10 19.94 4.51
N VAL B 316 -18.48 21.12 4.53
CA VAL B 316 -17.05 21.21 4.83
C VAL B 316 -16.71 22.03 6.07
N MET B 317 -17.09 23.31 6.05
CA MET B 317 -16.81 24.20 7.16
C MET B 317 -17.80 25.36 7.16
N GLY B 318 -18.22 25.75 8.36
CA GLY B 318 -19.18 26.85 8.46
C GLY B 318 -18.54 28.23 8.31
N GLY B 319 -19.36 29.21 7.93
CA GLY B 319 -18.88 30.57 7.77
C GLY B 319 -18.53 31.19 9.11
N ALA B 320 -17.50 32.04 9.11
CA ALA B 320 -17.03 32.71 10.32
C ALA B 320 -18.10 33.65 10.87
N GLU B 321 -18.85 34.21 9.95
CA GLU B 321 -19.89 35.16 10.29
C GLU B 321 -20.98 34.51 11.16
N SER B 322 -21.62 33.49 10.61
CA SER B 322 -22.70 32.81 11.31
C SER B 322 -22.44 32.01 12.59
N GLU B 323 -21.22 32.05 13.12
CA GLU B 323 -21.01 31.27 14.34
C GLU B 323 -21.95 31.72 15.45
N VAL B 324 -22.28 30.80 16.34
CA VAL B 324 -23.16 31.10 17.45
C VAL B 324 -22.34 31.61 18.63
N ARG B 325 -22.59 32.85 19.04
CA ARG B 325 -21.88 33.42 20.17
C ARG B 325 -22.90 33.56 21.30
N GLU B 326 -22.49 34.21 22.39
CA GLU B 326 -23.38 34.36 23.53
C GLU B 326 -24.62 35.21 23.32
N ASP B 327 -24.56 36.21 22.45
CA ASP B 327 -25.75 37.04 22.21
C ASP B 327 -26.70 36.44 21.20
N THR B 328 -26.46 35.20 20.81
CA THR B 328 -27.32 34.54 19.84
C THR B 328 -28.58 34.04 20.52
N GLU B 329 -29.73 34.30 19.92
CA GLU B 329 -31.01 33.89 20.49
C GLU B 329 -31.76 32.83 19.69
N ALA B 330 -31.55 32.82 18.39
CA ALA B 330 -32.21 31.84 17.54
C ALA B 330 -31.33 31.39 16.38
N ILE B 331 -31.47 30.12 16.02
CA ILE B 331 -30.67 29.53 14.94
C ILE B 331 -31.47 28.66 13.97
N ALA B 332 -30.83 28.38 12.84
CA ALA B 332 -31.39 27.49 11.83
C ALA B 332 -30.38 26.31 11.92
N LEU B 333 -30.88 25.11 12.19
CA LEU B 333 -30.01 23.94 12.32
C LEU B 333 -29.93 23.18 10.99
N GLU B 334 -28.75 23.18 10.39
CA GLU B 334 -28.59 22.45 9.15
C GLU B 334 -28.26 21.00 9.46
N VAL B 335 -29.07 20.09 8.92
CA VAL B 335 -28.83 18.65 9.06
C VAL B 335 -29.20 18.09 7.69
N ALA B 336 -28.18 17.76 6.92
CA ALA B 336 -28.39 17.25 5.57
C ALA B 336 -27.50 16.09 5.16
N CYS B 337 -27.66 15.69 3.90
CA CYS B 337 -26.90 14.63 3.27
C CYS B 337 -26.41 15.25 1.96
N PHE B 338 -25.10 15.40 1.82
CA PHE B 338 -24.54 16.01 0.62
C PHE B 338 -23.92 15.00 -0.33
N ASP B 339 -23.83 15.39 -1.60
CA ASP B 339 -23.23 14.55 -2.62
C ASP B 339 -21.76 14.36 -2.28
N PRO B 340 -21.37 13.13 -1.94
CA PRO B 340 -19.99 12.80 -1.58
C PRO B 340 -18.93 13.30 -2.55
N VAL B 341 -19.19 13.17 -3.84
CA VAL B 341 -18.20 13.61 -4.83
C VAL B 341 -17.95 15.12 -4.74
N SER B 342 -19.02 15.88 -4.64
CA SER B 342 -18.93 17.33 -4.56
C SER B 342 -18.13 17.75 -3.33
N ILE B 343 -18.48 17.19 -2.16
CA ILE B 343 -17.77 17.52 -0.94
C ILE B 343 -16.30 17.19 -1.15
N ARG B 344 -16.05 15.98 -1.63
CA ARG B 344 -14.70 15.51 -1.91
C ARG B 344 -13.93 16.54 -2.75
N LYS B 345 -14.48 16.91 -3.90
CA LYS B 345 -13.82 17.89 -4.76
C LYS B 345 -13.50 19.15 -3.98
N THR B 346 -14.54 19.79 -3.47
CA THR B 346 -14.39 21.02 -2.70
C THR B 346 -13.34 20.93 -1.60
N ALA B 347 -13.42 19.92 -0.75
CA ALA B 347 -12.45 19.77 0.34
C ALA B 347 -11.03 19.81 -0.22
N ARG B 348 -10.81 19.10 -1.32
CA ARG B 348 -9.52 19.05 -1.99
C ARG B 348 -9.14 20.44 -2.48
N ARG B 349 -10.06 21.06 -3.22
CA ARG B 349 -9.87 22.40 -3.78
C ARG B 349 -9.37 23.49 -2.84
N HIS B 350 -9.74 23.41 -1.56
CA HIS B 350 -9.31 24.42 -0.60
C HIS B 350 -8.36 23.84 0.44
N GLY B 351 -7.90 22.61 0.22
CA GLY B 351 -6.98 21.98 1.15
C GLY B 351 -7.54 21.87 2.55
N LEU B 352 -8.76 21.37 2.65
CA LEU B 352 -9.42 21.22 3.94
C LEU B 352 -9.80 19.77 4.19
N ARG B 353 -9.75 19.37 5.45
CA ARG B 353 -10.13 18.04 5.87
C ARG B 353 -10.74 18.25 7.24
N THR B 354 -12.07 18.25 7.31
CA THR B 354 -12.76 18.47 8.57
C THR B 354 -13.55 17.24 8.99
N GLU B 355 -13.95 17.20 10.25
CA GLU B 355 -14.74 16.09 10.74
C GLU B 355 -15.98 15.94 9.83
N ALA B 356 -16.43 17.05 9.26
CA ALA B 356 -17.60 17.03 8.39
C ALA B 356 -17.32 16.52 6.98
N SER B 357 -16.34 17.10 6.29
CA SER B 357 -16.02 16.67 4.93
C SER B 357 -15.69 15.18 4.98
N HIS B 358 -14.91 14.80 5.98
CA HIS B 358 -14.50 13.41 6.14
C HIS B 358 -15.70 12.48 6.14
N ARG B 359 -16.74 12.84 6.88
CA ARG B 359 -17.94 12.01 6.95
C ARG B 359 -18.82 12.08 5.71
N PHE B 360 -18.98 13.28 5.15
CA PHE B 360 -19.80 13.38 3.96
C PHE B 360 -19.14 12.68 2.78
N GLU B 361 -17.82 12.62 2.79
CA GLU B 361 -17.08 11.95 1.72
C GLU B 361 -17.30 10.45 1.82
N ARG B 362 -17.09 9.91 3.02
CA ARG B 362 -17.29 8.50 3.24
C ARG B 362 -18.76 8.11 3.13
N GLY B 363 -19.67 9.08 3.21
CA GLY B 363 -21.09 8.78 3.11
C GLY B 363 -21.87 8.97 4.41
N VAL B 364 -23.13 9.36 4.30
CA VAL B 364 -23.96 9.58 5.49
C VAL B 364 -25.31 8.90 5.35
N ASP B 365 -25.91 8.49 6.47
CA ASP B 365 -27.20 7.83 6.42
C ASP B 365 -28.20 8.74 5.69
N PRO B 366 -28.59 8.35 4.47
CA PRO B 366 -29.54 9.10 3.64
C PRO B 366 -30.86 9.42 4.33
N LEU B 367 -31.14 8.78 5.47
CA LEU B 367 -32.40 9.05 6.15
C LEU B 367 -32.21 9.29 7.64
N GLY B 368 -31.00 9.69 8.05
CA GLY B 368 -30.76 9.94 9.46
C GLY B 368 -31.02 11.39 9.85
N GLN B 369 -31.11 12.26 8.86
CA GLN B 369 -31.33 13.68 9.10
C GLN B 369 -32.42 14.03 10.13
N VAL B 370 -33.67 13.67 9.86
CA VAL B 370 -34.73 14.00 10.81
C VAL B 370 -34.47 13.44 12.20
N PRO B 371 -34.03 12.17 12.30
CA PRO B 371 -33.77 11.66 13.66
C PRO B 371 -32.68 12.49 14.35
N ALA B 372 -31.69 12.93 13.58
CA ALA B 372 -30.59 13.73 14.12
C ALA B 372 -31.07 15.13 14.54
N GLN B 373 -32.05 15.66 13.82
CA GLN B 373 -32.61 16.96 14.16
C GLN B 373 -33.22 16.86 15.56
N ARG B 374 -33.99 15.79 15.79
CA ARG B 374 -34.62 15.58 17.09
C ARG B 374 -33.61 15.50 18.22
N ARG B 375 -32.53 14.76 17.99
CA ARG B 375 -31.50 14.60 19.01
C ARG B 375 -30.82 15.95 19.35
N ALA B 376 -30.46 16.69 18.31
CA ALA B 376 -29.79 17.98 18.53
C ALA B 376 -30.73 19.00 19.15
N LEU B 377 -31.95 19.09 18.62
CA LEU B 377 -32.94 20.04 19.15
C LEU B 377 -33.26 19.68 20.58
N SER B 378 -33.44 18.38 20.84
CA SER B 378 -33.72 17.89 22.17
C SER B 378 -32.65 18.39 23.14
N LEU B 379 -31.38 18.19 22.76
CA LEU B 379 -30.27 18.62 23.59
C LEU B 379 -30.22 20.15 23.76
N LEU B 380 -30.53 20.89 22.68
CA LEU B 380 -30.51 22.35 22.76
C LEU B 380 -31.55 22.81 23.78
N GLN B 381 -32.67 22.11 23.80
CA GLN B 381 -33.73 22.45 24.73
C GLN B 381 -33.29 22.17 26.17
N ALA B 382 -32.51 21.12 26.34
CA ALA B 382 -32.04 20.73 27.67
C ALA B 382 -30.82 21.51 28.19
N LEU B 383 -29.99 22.02 27.29
CA LEU B 383 -28.78 22.72 27.71
C LEU B 383 -28.78 24.23 27.46
N ALA B 384 -29.49 24.68 26.44
CA ALA B 384 -29.54 26.10 26.13
C ALA B 384 -30.95 26.62 26.38
N GLY B 385 -31.79 25.76 26.94
CA GLY B 385 -33.16 26.13 27.22
C GLY B 385 -33.91 26.60 26.00
N ALA B 386 -33.60 26.01 24.86
CA ALA B 386 -34.23 26.39 23.61
C ALA B 386 -35.70 26.02 23.48
N ARG B 387 -36.43 26.86 22.77
CA ARG B 387 -37.84 26.61 22.49
C ARG B 387 -37.69 26.12 21.06
N VAL B 388 -38.37 25.03 20.75
CA VAL B 388 -38.22 24.43 19.43
C VAL B 388 -39.50 24.33 18.61
N ALA B 389 -39.40 24.67 17.33
CA ALA B 389 -40.55 24.60 16.44
C ALA B 389 -40.85 23.13 16.17
N GLU B 390 -42.12 22.82 15.98
CA GLU B 390 -42.54 21.45 15.74
C GLU B 390 -42.16 21.00 14.34
N ALA B 391 -42.26 21.91 13.38
CA ALA B 391 -41.94 21.58 12.00
C ALA B 391 -40.47 21.78 11.62
N LEU B 392 -40.11 21.21 10.47
CA LEU B 392 -38.77 21.33 9.93
C LEU B 392 -38.95 21.71 8.48
N LEU B 393 -37.96 22.38 7.91
CA LEU B 393 -38.01 22.70 6.49
C LEU B 393 -37.30 21.48 5.91
N GLU B 394 -37.94 20.82 4.95
CA GLU B 394 -37.36 19.62 4.39
C GLU B 394 -37.42 19.55 2.86
N ALA B 395 -36.29 19.23 2.25
CA ALA B 395 -36.20 19.11 0.80
C ALA B 395 -35.52 17.80 0.39
N GLY B 396 -36.07 17.16 -0.63
CA GLY B 396 -35.53 15.90 -1.12
C GLY B 396 -36.21 14.74 -0.42
N SER B 397 -36.50 13.69 -1.16
CA SER B 397 -37.13 12.54 -0.54
C SER B 397 -36.38 11.26 -0.90
N PRO B 398 -35.42 10.87 -0.05
CA PRO B 398 -34.60 9.66 -0.25
C PRO B 398 -35.44 8.39 -0.18
N LYS B 399 -35.17 7.45 -1.08
CA LYS B 399 -35.91 6.19 -1.07
C LYS B 399 -35.25 5.24 -0.07
N PRO B 400 -36.04 4.42 0.65
CA PRO B 400 -35.46 3.48 1.62
C PRO B 400 -34.68 2.41 0.87
N PRO B 401 -33.77 1.72 1.56
CA PRO B 401 -33.00 0.67 0.87
C PRO B 401 -33.86 -0.50 0.40
N GLU B 402 -33.40 -1.18 -0.64
CA GLU B 402 -34.11 -2.33 -1.21
C GLU B 402 -33.80 -3.63 -0.47
N ALA B 403 -34.61 -4.65 -0.74
CA ALA B 403 -34.44 -5.96 -0.13
C ALA B 403 -33.30 -6.68 -0.83
N ILE B 404 -32.61 -7.52 -0.07
CA ILE B 404 -31.49 -8.28 -0.59
C ILE B 404 -31.77 -9.77 -0.35
N PRO B 405 -31.67 -10.58 -1.39
CA PRO B 405 -31.92 -12.01 -1.24
C PRO B 405 -30.85 -12.62 -0.34
N PHE B 406 -31.27 -13.45 0.60
CA PHE B 406 -30.30 -14.08 1.49
C PHE B 406 -30.58 -15.53 1.82
N ARG B 407 -29.63 -16.41 1.48
CA ARG B 407 -29.77 -17.83 1.76
C ARG B 407 -28.81 -18.28 2.86
N PRO B 408 -29.35 -18.59 4.05
CA PRO B 408 -28.53 -19.04 5.16
C PRO B 408 -27.65 -20.20 4.72
N GLU B 409 -28.15 -20.97 3.75
CA GLU B 409 -27.43 -22.12 3.23
C GLU B 409 -26.22 -21.68 2.41
N TYR B 410 -26.37 -20.60 1.66
CA TYR B 410 -25.27 -20.08 0.87
C TYR B 410 -24.23 -19.46 1.79
N ALA B 411 -24.68 -18.89 2.90
CA ALA B 411 -23.75 -18.28 3.86
C ALA B 411 -22.85 -19.38 4.38
N ASN B 412 -23.46 -20.46 4.88
CA ASN B 412 -22.68 -21.58 5.41
C ASN B 412 -21.78 -22.23 4.35
N ARG B 413 -22.24 -22.22 3.10
CA ARG B 413 -21.50 -22.81 1.99
C ARG B 413 -20.29 -21.96 1.66
N LEU B 414 -20.49 -20.66 1.51
CA LEU B 414 -19.39 -19.76 1.18
C LEU B 414 -18.35 -19.69 2.31
N LEU B 415 -18.79 -19.83 3.55
CA LEU B 415 -17.88 -19.76 4.69
C LEU B 415 -17.28 -21.11 5.08
N GLY B 416 -17.99 -22.19 4.76
CA GLY B 416 -17.52 -23.52 5.13
C GLY B 416 -17.94 -23.81 6.54
N THR B 417 -19.03 -23.18 6.96
CA THR B 417 -19.56 -23.31 8.31
C THR B 417 -20.91 -24.00 8.32
N SER B 418 -21.48 -24.14 9.50
CA SER B 418 -22.79 -24.75 9.61
C SER B 418 -23.51 -24.08 10.77
N TYR B 419 -23.73 -22.77 10.64
CA TYR B 419 -24.43 -22.02 11.66
C TYR B 419 -25.89 -22.28 11.39
N PRO B 420 -26.67 -22.54 12.45
CA PRO B 420 -28.10 -22.79 12.18
C PRO B 420 -28.82 -21.54 11.71
N GLU B 421 -29.72 -21.75 10.76
CA GLU B 421 -30.53 -20.70 10.17
C GLU B 421 -30.97 -19.63 11.17
N ALA B 422 -31.56 -20.05 12.28
CA ALA B 422 -32.06 -19.15 13.30
C ALA B 422 -31.03 -18.14 13.77
N GLU B 423 -29.82 -18.61 14.06
CA GLU B 423 -28.77 -17.71 14.52
C GLU B 423 -28.44 -16.67 13.47
N GLN B 424 -28.41 -17.07 12.20
CA GLN B 424 -28.11 -16.13 11.14
C GLN B 424 -29.10 -14.99 11.07
N ILE B 425 -30.39 -15.33 11.11
CA ILE B 425 -31.45 -14.35 11.06
C ILE B 425 -31.51 -13.49 12.31
N ALA B 426 -31.24 -14.10 13.46
CA ALA B 426 -31.27 -13.35 14.72
C ALA B 426 -30.21 -12.25 14.65
N ILE B 427 -29.05 -12.59 14.11
CA ILE B 427 -27.94 -11.65 13.98
C ILE B 427 -28.30 -10.49 13.05
N LEU B 428 -28.80 -10.81 11.86
CA LEU B 428 -29.16 -9.76 10.92
C LEU B 428 -30.17 -8.79 11.51
N LYS B 429 -31.04 -9.29 12.39
CA LYS B 429 -32.04 -8.42 13.01
C LYS B 429 -31.37 -7.53 14.04
N ARG B 430 -30.44 -8.08 14.80
CA ARG B 430 -29.75 -7.27 15.78
C ARG B 430 -29.05 -6.09 15.10
N LEU B 431 -28.61 -6.28 13.85
CA LEU B 431 -27.94 -5.20 13.12
C LEU B 431 -28.95 -4.25 12.46
N GLY B 432 -30.23 -4.44 12.76
CA GLY B 432 -31.26 -3.58 12.22
C GLY B 432 -31.89 -3.97 10.90
N CYS B 433 -31.56 -5.15 10.39
CA CYS B 433 -32.14 -5.60 9.12
C CYS B 433 -33.54 -6.14 9.32
N ARG B 434 -34.36 -6.00 8.30
CA ARG B 434 -35.70 -6.55 8.34
C ARG B 434 -35.55 -7.85 7.55
N VAL B 435 -36.13 -8.92 8.07
CA VAL B 435 -36.04 -10.21 7.42
C VAL B 435 -37.41 -10.77 7.14
N GLU B 436 -37.73 -10.93 5.85
CA GLU B 436 -39.01 -11.45 5.42
C GLU B 436 -38.92 -12.79 4.66
N GLY B 437 -39.96 -13.60 4.79
CA GLY B 437 -40.00 -14.88 4.11
C GLY B 437 -39.82 -16.05 5.06
N GLU B 438 -40.15 -17.26 4.60
CA GLU B 438 -39.98 -18.42 5.46
C GLU B 438 -38.81 -19.28 4.99
N GLY B 439 -38.15 -18.85 3.92
CA GLY B 439 -37.00 -19.58 3.43
C GLY B 439 -37.31 -20.46 2.23
N PRO B 440 -36.28 -21.06 1.62
CA PRO B 440 -34.87 -20.98 1.98
C PRO B 440 -34.14 -19.68 1.59
N THR B 441 -34.73 -18.91 0.68
CA THR B 441 -34.09 -17.66 0.28
C THR B 441 -34.90 -16.45 0.74
N TYR B 442 -34.49 -15.89 1.87
CA TYR B 442 -35.15 -14.75 2.49
C TYR B 442 -34.98 -13.39 1.81
N ARG B 443 -35.81 -12.46 2.25
CA ARG B 443 -35.80 -11.09 1.77
C ARG B 443 -35.26 -10.22 2.90
N VAL B 444 -33.99 -9.84 2.81
CA VAL B 444 -33.38 -9.03 3.86
C VAL B 444 -33.12 -7.61 3.40
N THR B 445 -33.78 -6.67 4.06
CA THR B 445 -33.58 -5.27 3.71
C THR B 445 -32.87 -4.59 4.89
N PRO B 446 -31.64 -4.09 4.66
CA PRO B 446 -30.77 -3.41 5.62
C PRO B 446 -31.22 -2.04 6.07
N PRO B 447 -30.72 -1.58 7.24
CA PRO B 447 -31.03 -0.28 7.86
C PRO B 447 -30.37 0.78 6.98
N SER B 448 -31.07 1.87 6.68
CA SER B 448 -30.52 2.92 5.83
C SER B 448 -29.13 3.41 6.22
N HIS B 449 -28.72 3.16 7.47
CA HIS B 449 -27.42 3.63 7.91
C HIS B 449 -26.24 2.76 7.46
N ARG B 450 -26.52 1.57 6.94
CA ARG B 450 -25.46 0.69 6.45
C ARG B 450 -25.38 0.83 4.92
N LEU B 451 -24.43 1.62 4.46
CA LEU B 451 -24.28 1.83 3.03
C LEU B 451 -23.54 0.66 2.40
N ASP B 452 -22.84 -0.11 3.24
CA ASP B 452 -22.05 -1.25 2.79
C ASP B 452 -22.80 -2.57 2.68
N LEU B 453 -24.13 -2.55 2.80
CA LEU B 453 -24.91 -3.77 2.68
C LEU B 453 -25.84 -3.71 1.47
N ARG B 454 -25.38 -4.29 0.36
CA ARG B 454 -26.13 -4.30 -0.90
C ARG B 454 -26.26 -5.71 -1.51
N LEU B 455 -25.25 -6.55 -1.31
CA LEU B 455 -25.24 -7.90 -1.85
C LEU B 455 -25.37 -8.99 -0.81
N GLU B 456 -25.84 -10.15 -1.24
CA GLU B 456 -25.99 -11.29 -0.35
C GLU B 456 -24.64 -11.57 0.34
N GLU B 457 -23.55 -11.45 -0.42
CA GLU B 457 -22.23 -11.68 0.16
C GLU B 457 -21.98 -10.75 1.34
N ASP B 458 -22.37 -9.48 1.21
CA ASP B 458 -22.18 -8.51 2.29
C ASP B 458 -22.85 -9.06 3.53
N LEU B 459 -24.05 -9.56 3.33
CA LEU B 459 -24.84 -10.13 4.40
C LEU B 459 -24.14 -11.31 5.05
N VAL B 460 -23.49 -12.18 4.26
CA VAL B 460 -22.81 -13.32 4.88
C VAL B 460 -21.60 -12.83 5.68
N GLU B 461 -20.93 -11.76 5.22
CA GLU B 461 -19.81 -11.25 6.00
C GLU B 461 -20.34 -10.83 7.39
N GLU B 462 -21.57 -10.29 7.42
CA GLU B 462 -22.17 -9.88 8.69
C GLU B 462 -22.27 -11.06 9.64
N VAL B 463 -22.81 -12.17 9.13
CA VAL B 463 -22.96 -13.37 9.93
C VAL B 463 -21.61 -13.89 10.44
N ALA B 464 -20.61 -13.89 9.57
CA ALA B 464 -19.30 -14.39 9.95
C ALA B 464 -18.61 -13.57 11.04
N ARG B 465 -18.60 -12.25 10.90
CA ARG B 465 -17.92 -11.41 11.89
C ARG B 465 -18.65 -11.36 13.23
N ILE B 466 -19.97 -11.45 13.21
CA ILE B 466 -20.72 -11.43 14.46
C ILE B 466 -20.57 -12.81 15.09
N GLN B 467 -20.59 -13.85 14.28
CA GLN B 467 -20.39 -15.22 14.79
C GLN B 467 -18.94 -15.29 15.27
N GLY B 468 -18.07 -14.57 14.59
CA GLY B 468 -16.65 -14.56 14.90
C GLY B 468 -15.86 -15.39 13.90
N TYR B 469 -14.91 -14.76 13.21
CA TYR B 469 -14.07 -15.44 12.23
C TYR B 469 -13.40 -16.69 12.78
N GLU B 470 -13.08 -16.72 14.07
CA GLU B 470 -12.43 -17.91 14.64
C GLU B 470 -13.36 -19.13 14.69
N THR B 471 -14.66 -18.93 14.45
CA THR B 471 -15.60 -20.04 14.49
C THR B 471 -15.66 -20.71 13.13
N ILE B 472 -14.97 -20.11 12.15
CA ILE B 472 -14.91 -20.68 10.82
C ILE B 472 -13.85 -21.78 10.89
N PRO B 473 -14.22 -23.02 10.54
CA PRO B 473 -13.25 -24.13 10.59
C PRO B 473 -12.15 -24.08 9.54
N LEU B 474 -11.13 -24.90 9.74
CA LEU B 474 -10.01 -25.00 8.83
C LEU B 474 -10.22 -26.19 7.89
N ALA B 475 -9.91 -26.00 6.61
CA ALA B 475 -10.07 -27.04 5.61
C ALA B 475 -9.11 -26.86 4.43
N LEU B 476 -8.95 -27.92 3.65
CA LEU B 476 -8.09 -27.90 2.47
C LEU B 476 -8.91 -28.40 1.29
N PRO B 477 -8.87 -27.68 0.17
CA PRO B 477 -9.64 -28.07 -1.02
C PRO B 477 -8.96 -29.19 -1.83
N ALA B 478 -9.77 -29.96 -2.57
CA ALA B 478 -9.24 -31.03 -3.41
C ALA B 478 -9.94 -31.06 -4.76
N PHE B 479 -9.17 -30.91 -5.83
CA PHE B 479 -9.76 -30.95 -7.16
C PHE B 479 -8.70 -31.14 -8.22
N PHE B 480 -9.13 -31.66 -9.38
CA PHE B 480 -8.21 -31.84 -10.50
C PHE B 480 -8.28 -30.51 -11.22
N PRO B 481 -7.17 -29.80 -11.34
CA PRO B 481 -7.24 -28.51 -12.03
C PRO B 481 -7.64 -28.60 -13.49
N ALA B 482 -8.33 -27.57 -13.97
CA ALA B 482 -8.77 -27.53 -15.36
C ALA B 482 -7.54 -27.61 -16.29
N PRO B 483 -7.67 -28.34 -17.40
CA PRO B 483 -6.63 -28.54 -18.40
C PRO B 483 -5.70 -27.37 -18.74
N ASP B 484 -6.24 -26.19 -19.02
CA ASP B 484 -5.35 -25.10 -19.41
C ASP B 484 -4.54 -24.47 -18.31
N ASN B 485 -4.53 -25.12 -17.15
CA ASN B 485 -3.74 -24.62 -16.02
C ASN B 485 -2.46 -25.42 -15.92
N ARG B 486 -2.36 -26.49 -16.70
CA ARG B 486 -1.18 -27.35 -16.70
C ARG B 486 -0.01 -26.64 -17.37
N GLY B 487 1.19 -26.84 -16.82
CA GLY B 487 2.42 -26.27 -17.38
C GLY B 487 2.47 -24.76 -17.37
N VAL B 488 1.53 -24.16 -16.67
CA VAL B 488 1.50 -22.72 -16.62
C VAL B 488 2.68 -22.12 -15.85
N GLU B 489 3.44 -22.95 -15.14
CA GLU B 489 4.54 -22.41 -14.36
C GLU B 489 5.95 -22.64 -14.90
N ALA B 490 6.03 -22.99 -16.18
CA ALA B 490 7.32 -23.20 -16.80
C ALA B 490 8.11 -21.88 -16.88
N PRO B 491 7.49 -20.81 -17.40
CA PRO B 491 8.21 -19.53 -17.50
C PRO B 491 8.88 -19.18 -16.18
N TYR B 492 8.09 -19.13 -15.12
CA TYR B 492 8.61 -18.82 -13.80
C TYR B 492 9.75 -19.74 -13.41
N ARG B 493 9.55 -21.04 -13.54
CA ARG B 493 10.60 -22.00 -13.21
C ARG B 493 11.87 -21.74 -13.98
N LYS B 494 11.72 -21.37 -15.25
CA LYS B 494 12.89 -21.14 -16.10
C LYS B 494 13.77 -20.02 -15.53
N GLU B 495 13.19 -18.85 -15.31
CA GLU B 495 13.93 -17.73 -14.78
C GLU B 495 14.58 -18.05 -13.45
N GLN B 496 13.87 -18.80 -12.63
CA GLN B 496 14.40 -19.14 -11.33
C GLN B 496 15.61 -20.05 -11.41
N ARG B 497 15.63 -21.00 -12.33
CA ARG B 497 16.80 -21.87 -12.45
C ARG B 497 17.98 -21.00 -12.86
N LEU B 498 17.72 -20.06 -13.76
CA LEU B 498 18.74 -19.17 -14.24
C LEU B 498 19.43 -18.47 -13.07
N ARG B 499 18.66 -17.80 -12.24
CA ARG B 499 19.23 -17.12 -11.09
C ARG B 499 20.09 -18.07 -10.27
N GLU B 500 19.54 -19.23 -9.95
CA GLU B 500 20.27 -20.21 -9.14
C GLU B 500 21.56 -20.65 -9.82
N VAL B 501 21.50 -20.92 -11.10
CA VAL B 501 22.70 -21.32 -11.81
C VAL B 501 23.72 -20.19 -11.65
N LEU B 502 23.29 -18.97 -11.93
CA LEU B 502 24.16 -17.81 -11.81
C LEU B 502 24.78 -17.73 -10.42
N SER B 503 23.96 -17.84 -9.39
CA SER B 503 24.46 -17.78 -8.02
C SER B 503 25.41 -18.95 -7.80
N GLY B 504 25.20 -20.03 -8.55
CA GLY B 504 26.05 -21.19 -8.40
C GLY B 504 27.39 -20.99 -9.08
N LEU B 505 27.34 -20.38 -10.26
CA LEU B 505 28.54 -20.11 -11.03
C LEU B 505 29.52 -19.24 -10.26
N GLY B 506 29.00 -18.27 -9.52
CA GLY B 506 29.84 -17.37 -8.73
C GLY B 506 29.32 -15.94 -8.67
N PHE B 507 28.24 -15.66 -9.41
CA PHE B 507 27.66 -14.32 -9.42
C PHE B 507 26.88 -13.98 -8.16
N GLN B 508 26.96 -12.71 -7.74
CA GLN B 508 26.25 -12.26 -6.56
C GLN B 508 25.05 -11.42 -7.01
N GLU B 509 23.85 -11.87 -6.67
CA GLU B 509 22.64 -11.16 -7.06
C GLU B 509 22.43 -9.83 -6.36
N VAL B 510 21.86 -8.89 -7.11
CA VAL B 510 21.60 -7.55 -6.62
C VAL B 510 20.23 -7.07 -7.08
N TYR B 511 19.51 -6.40 -6.19
CA TYR B 511 18.20 -5.85 -6.51
C TYR B 511 18.34 -4.33 -6.53
N THR B 512 17.86 -3.69 -7.59
CA THR B 512 17.93 -2.25 -7.71
C THR B 512 16.59 -1.67 -8.11
N TYR B 513 16.26 -0.51 -7.56
CA TYR B 513 14.98 0.14 -7.89
C TYR B 513 14.78 0.20 -9.39
N SER B 514 13.52 0.14 -9.81
CA SER B 514 13.14 0.20 -11.21
C SER B 514 13.24 1.63 -11.74
N PHE B 515 13.41 2.59 -10.82
CA PHE B 515 13.50 3.99 -11.23
C PHE B 515 14.82 4.33 -11.91
N MET B 516 14.80 5.41 -12.67
CA MET B 516 15.98 5.86 -13.41
C MET B 516 16.14 7.37 -13.30
N ASP B 517 17.38 7.84 -13.35
CA ASP B 517 17.67 9.27 -13.30
C ASP B 517 17.68 9.71 -14.76
N PRO B 518 16.71 10.55 -15.17
CA PRO B 518 16.61 11.03 -16.55
C PRO B 518 17.94 11.53 -17.11
N GLU B 519 18.81 12.01 -16.22
CA GLU B 519 20.12 12.51 -16.65
C GLU B 519 21.07 11.38 -17.04
N ASP B 520 20.88 10.19 -16.48
CA ASP B 520 21.74 9.06 -16.79
C ASP B 520 21.61 8.55 -18.21
N ALA B 521 20.57 8.97 -18.90
CA ALA B 521 20.36 8.55 -20.28
C ALA B 521 21.52 9.14 -21.05
N ARG B 522 22.00 10.27 -20.54
CA ARG B 522 23.11 11.00 -21.11
C ARG B 522 24.42 10.42 -20.60
N ARG B 523 24.61 10.43 -19.28
CA ARG B 523 25.84 9.91 -18.69
C ARG B 523 26.23 8.53 -19.18
N PHE B 524 25.24 7.67 -19.40
CA PHE B 524 25.50 6.30 -19.86
C PHE B 524 25.25 6.11 -21.35
N ARG B 525 25.00 7.21 -22.04
CA ARG B 525 24.77 7.18 -23.49
C ARG B 525 23.73 6.17 -23.92
N LEU B 526 22.49 6.40 -23.48
CA LEU B 526 21.38 5.51 -23.79
C LEU B 526 20.24 6.36 -24.35
N ASP B 527 19.33 5.75 -25.10
CA ASP B 527 18.19 6.50 -25.59
C ASP B 527 17.42 6.90 -24.34
N PRO B 528 16.79 8.07 -24.35
CA PRO B 528 16.04 8.50 -23.17
C PRO B 528 14.87 7.57 -22.86
N PRO B 529 14.44 7.53 -21.58
CA PRO B 529 13.34 6.70 -21.08
C PRO B 529 12.05 6.96 -21.84
N ARG B 530 11.24 5.93 -22.04
CA ARG B 530 9.97 6.11 -22.74
C ARG B 530 8.85 6.36 -21.72
N LEU B 531 9.05 5.93 -20.49
CA LEU B 531 8.06 6.13 -19.45
C LEU B 531 8.61 6.97 -18.32
N LEU B 532 7.86 8.00 -17.95
CA LEU B 532 8.24 8.92 -16.88
C LEU B 532 7.12 8.97 -15.86
N LEU B 533 7.44 9.43 -14.66
CA LEU B 533 6.41 9.52 -13.62
C LEU B 533 5.81 10.90 -13.49
N LEU B 534 4.48 10.97 -13.40
CA LEU B 534 3.81 12.24 -13.23
C LEU B 534 3.99 12.69 -11.78
N ASN B 535 4.34 11.74 -10.92
CA ASN B 535 4.55 12.04 -9.51
C ASN B 535 5.74 11.25 -8.99
N PRO B 536 6.95 11.65 -9.41
CA PRO B 536 8.20 10.98 -8.99
C PRO B 536 8.55 11.17 -7.51
N LEU B 537 9.25 10.20 -6.92
CA LEU B 537 9.66 10.29 -5.52
C LEU B 537 10.68 11.43 -5.41
N ALA B 538 11.38 11.68 -6.52
CA ALA B 538 12.39 12.72 -6.62
C ALA B 538 12.79 12.78 -8.10
N PRO B 539 13.41 13.87 -8.53
CA PRO B 539 13.81 13.98 -9.94
C PRO B 539 14.85 12.95 -10.39
N GLU B 540 15.63 12.42 -9.45
CA GLU B 540 16.63 11.40 -9.78
C GLU B 540 15.94 10.06 -10.06
N LYS B 541 14.65 10.01 -9.71
CA LYS B 541 13.83 8.81 -9.90
C LYS B 541 12.58 9.17 -10.70
N ALA B 542 12.70 10.08 -11.66
CA ALA B 542 11.54 10.50 -12.44
C ALA B 542 11.22 9.63 -13.67
N ALA B 543 12.05 8.62 -13.91
CA ALA B 543 11.81 7.74 -15.07
C ALA B 543 11.96 6.26 -14.75
N LEU B 544 11.51 5.43 -15.69
CA LEU B 544 11.63 3.98 -15.53
C LEU B 544 12.83 3.50 -16.34
N ARG B 545 13.76 2.85 -15.65
CA ARG B 545 14.97 2.34 -16.26
C ARG B 545 14.74 1.59 -17.56
N THR B 546 15.66 1.81 -18.50
CA THR B 546 15.62 1.17 -19.81
C THR B 546 16.70 0.08 -19.88
N HIS B 547 17.61 0.09 -18.90
CA HIS B 547 18.70 -0.88 -18.84
C HIS B 547 18.94 -1.27 -17.40
N LEU B 548 19.78 -2.29 -17.22
CA LEU B 548 20.10 -2.78 -15.90
C LEU B 548 21.54 -2.46 -15.50
N PHE B 549 22.42 -2.32 -16.50
CA PHE B 549 23.82 -2.07 -16.17
C PHE B 549 24.06 -0.71 -15.50
N PRO B 550 23.40 0.35 -15.97
CA PRO B 550 23.66 1.63 -15.30
C PRO B 550 23.54 1.45 -13.79
N GLY B 551 22.43 0.85 -13.38
CA GLY B 551 22.21 0.61 -11.96
C GLY B 551 23.33 -0.18 -11.32
N LEU B 552 23.75 -1.27 -11.94
CA LEU B 552 24.82 -2.08 -11.37
C LEU B 552 26.10 -1.29 -11.25
N VAL B 553 26.38 -0.42 -12.23
CA VAL B 553 27.59 0.39 -12.19
C VAL B 553 27.53 1.29 -10.95
N ARG B 554 26.40 1.96 -10.77
CA ARG B 554 26.25 2.83 -9.61
C ARG B 554 26.42 2.11 -8.28
N VAL B 555 25.92 0.87 -8.19
CA VAL B 555 26.07 0.14 -6.93
C VAL B 555 27.55 -0.23 -6.75
N LEU B 556 28.27 -0.37 -7.84
CA LEU B 556 29.70 -0.69 -7.75
C LEU B 556 30.38 0.52 -7.10
N LYS B 557 30.14 1.69 -7.69
CA LYS B 557 30.70 2.94 -7.19
C LYS B 557 30.37 3.08 -5.70
N GLU B 558 29.09 2.97 -5.38
CA GLU B 558 28.62 3.09 -4.01
C GLU B 558 29.32 2.11 -3.08
N ASN B 559 29.42 0.85 -3.51
CA ASN B 559 30.09 -0.16 -2.68
C ASN B 559 31.55 0.22 -2.49
N LEU B 560 32.20 0.68 -3.54
CA LEU B 560 33.61 1.07 -3.47
C LEU B 560 33.84 2.19 -2.45
N ASP B 561 32.92 3.16 -2.38
CA ASP B 561 33.09 4.28 -1.44
C ASP B 561 32.79 3.90 0.00
N LEU B 562 31.93 2.92 0.23
CA LEU B 562 31.57 2.50 1.59
C LEU B 562 32.57 1.50 2.14
N ASP B 563 32.83 0.46 1.35
CA ASP B 563 33.78 -0.57 1.70
C ASP B 563 34.69 -0.53 0.48
N ARG B 564 35.85 -1.17 0.53
CA ARG B 564 36.71 -1.10 -0.64
C ARG B 564 36.91 -2.48 -1.25
N PRO B 565 35.85 -3.07 -1.80
CA PRO B 565 35.98 -4.40 -2.41
C PRO B 565 37.11 -4.38 -3.43
N GLU B 566 37.96 -5.40 -3.38
CA GLU B 566 39.07 -5.49 -4.34
C GLU B 566 38.56 -5.96 -5.69
N ARG B 567 37.35 -6.51 -5.69
CA ARG B 567 36.72 -7.02 -6.91
C ARG B 567 35.23 -7.24 -6.72
N ALA B 568 34.57 -7.71 -7.77
CA ALA B 568 33.13 -7.95 -7.71
C ALA B 568 32.60 -8.63 -8.96
N LEU B 569 31.70 -9.59 -8.76
CA LEU B 569 31.07 -10.32 -9.87
C LEU B 569 29.59 -10.31 -9.50
N LEU B 570 28.86 -9.39 -10.12
CA LEU B 570 27.45 -9.22 -9.82
C LEU B 570 26.53 -9.54 -10.98
N PHE B 571 25.25 -9.73 -10.66
CA PHE B 571 24.24 -9.97 -11.67
C PHE B 571 22.91 -9.50 -11.11
N GLU B 572 21.99 -9.18 -12.01
CA GLU B 572 20.67 -8.75 -11.62
C GLU B 572 19.67 -9.10 -12.73
N VAL B 573 18.51 -9.60 -12.32
CA VAL B 573 17.45 -9.94 -13.25
C VAL B 573 16.32 -9.01 -12.87
N GLY B 574 15.75 -8.32 -13.85
CA GLY B 574 14.68 -7.42 -13.51
C GLY B 574 13.98 -6.86 -14.71
N ARG B 575 12.84 -6.21 -14.47
CA ARG B 575 12.07 -5.61 -15.54
C ARG B 575 12.67 -4.30 -16.02
N VAL B 576 12.58 -4.09 -17.32
CA VAL B 576 13.09 -2.90 -17.98
C VAL B 576 11.92 -2.43 -18.82
N PHE B 577 11.81 -1.12 -19.02
CA PHE B 577 10.69 -0.58 -19.79
C PHE B 577 11.13 0.25 -20.98
N ARG B 578 10.69 -0.15 -22.16
CA ARG B 578 11.04 0.54 -23.40
C ARG B 578 10.26 -0.07 -24.56
N GLU B 579 9.24 0.63 -25.04
CA GLU B 579 8.41 0.11 -26.13
C GLU B 579 7.48 -0.94 -25.54
N ARG B 580 8.06 -1.86 -24.77
CA ARG B 580 7.34 -2.92 -24.10
C ARG B 580 8.11 -3.24 -22.84
N GLU B 581 7.43 -3.80 -21.85
CA GLU B 581 8.08 -4.18 -20.60
C GLU B 581 8.77 -5.51 -20.87
N GLU B 582 10.07 -5.59 -20.56
CA GLU B 582 10.78 -6.85 -20.77
C GLU B 582 11.73 -7.19 -19.62
N THR B 583 12.09 -8.47 -19.53
CA THR B 583 12.95 -8.94 -18.47
C THR B 583 14.39 -9.08 -18.97
N HIS B 584 15.31 -8.52 -18.19
CA HIS B 584 16.72 -8.54 -18.53
C HIS B 584 17.55 -9.25 -17.49
N LEU B 585 18.77 -9.56 -17.88
CA LEU B 585 19.77 -10.19 -17.03
C LEU B 585 21.04 -9.43 -17.34
N ALA B 586 21.63 -8.82 -16.33
CA ALA B 586 22.86 -8.08 -16.52
C ALA B 586 23.88 -8.54 -15.49
N GLY B 587 25.15 -8.41 -15.84
CA GLY B 587 26.20 -8.82 -14.92
C GLY B 587 27.37 -7.85 -14.96
N LEU B 588 28.19 -7.87 -13.91
CA LEU B 588 29.33 -6.97 -13.84
C LEU B 588 30.56 -7.62 -13.18
N LEU B 589 31.71 -7.41 -13.80
CA LEU B 589 32.98 -7.93 -13.29
C LEU B 589 33.85 -6.70 -13.04
N PHE B 590 34.56 -6.69 -11.92
CA PHE B 590 35.43 -5.57 -11.58
C PHE B 590 36.53 -6.04 -10.64
N GLY B 591 37.73 -5.47 -10.78
CA GLY B 591 38.82 -5.84 -9.90
C GLY B 591 40.00 -6.57 -10.54
N GLU B 592 40.88 -7.08 -9.69
CA GLU B 592 42.08 -7.79 -10.09
C GLU B 592 41.83 -9.09 -10.86
N GLY B 593 40.80 -9.83 -10.47
CA GLY B 593 40.50 -11.07 -11.16
C GLY B 593 40.78 -12.31 -10.33
N VAL B 594 40.91 -13.44 -11.01
CA VAL B 594 41.14 -14.71 -10.33
C VAL B 594 42.55 -15.26 -10.46
N GLY B 595 43.06 -15.82 -9.37
CA GLY B 595 44.39 -16.39 -9.36
C GLY B 595 44.80 -16.71 -7.94
N LEU B 596 46.07 -17.03 -7.73
CA LEU B 596 46.56 -17.34 -6.39
C LEU B 596 46.73 -16.05 -5.60
N PRO B 597 45.95 -15.88 -4.52
CA PRO B 597 45.98 -14.69 -3.67
C PRO B 597 47.39 -14.16 -3.39
N TRP B 598 48.32 -15.08 -3.12
CA TRP B 598 49.70 -14.71 -2.83
C TRP B 598 50.56 -14.53 -4.08
N ALA B 599 50.23 -15.26 -5.14
CA ALA B 599 50.97 -15.16 -6.39
C ALA B 599 50.65 -13.86 -7.11
N LYS B 600 51.14 -13.74 -8.34
CA LYS B 600 50.96 -12.52 -9.13
C LYS B 600 50.09 -12.68 -10.38
N GLU B 601 50.29 -13.76 -11.11
CA GLU B 601 49.52 -14.02 -12.34
C GLU B 601 48.01 -14.04 -12.05
N ARG B 602 47.22 -13.51 -12.98
CA ARG B 602 45.79 -13.48 -12.80
C ARG B 602 45.00 -13.48 -14.09
N LEU B 603 43.79 -14.04 -14.01
CA LEU B 603 42.86 -14.08 -15.12
C LEU B 603 41.84 -13.02 -14.73
N SER B 604 41.48 -12.16 -15.67
CA SER B 604 40.50 -11.12 -15.37
C SER B 604 40.08 -10.32 -16.59
N GLY B 605 39.30 -9.28 -16.33
CA GLY B 605 38.84 -8.44 -17.42
C GLY B 605 37.94 -9.18 -18.39
N TYR B 606 37.81 -8.59 -19.57
CA TYR B 606 36.97 -9.14 -20.63
C TYR B 606 36.88 -10.65 -20.77
N PHE B 607 38.03 -11.29 -20.97
CA PHE B 607 38.01 -12.72 -21.16
C PHE B 607 37.66 -13.52 -19.91
N LEU B 608 37.62 -12.86 -18.77
CA LEU B 608 37.24 -13.56 -17.54
C LEU B 608 35.73 -13.60 -17.55
N LEU B 609 35.11 -12.44 -17.83
CA LEU B 609 33.67 -12.35 -17.88
C LEU B 609 33.15 -13.31 -18.94
N LYS B 610 33.76 -13.27 -20.12
CA LYS B 610 33.32 -14.14 -21.18
C LYS B 610 33.53 -15.58 -20.75
N GLY B 611 34.50 -15.79 -19.87
CA GLY B 611 34.77 -17.14 -19.40
C GLY B 611 33.55 -17.63 -18.63
N TYR B 612 33.10 -16.83 -17.68
CA TYR B 612 31.94 -17.20 -16.90
C TYR B 612 30.71 -17.36 -17.78
N LEU B 613 30.52 -16.46 -18.74
CA LEU B 613 29.36 -16.57 -19.62
C LEU B 613 29.36 -17.88 -20.43
N GLU B 614 30.53 -18.25 -20.94
CA GLU B 614 30.62 -19.48 -21.72
C GLU B 614 30.23 -20.64 -20.81
N ALA B 615 30.71 -20.61 -19.57
CA ALA B 615 30.39 -21.66 -18.60
C ALA B 615 28.88 -21.67 -18.36
N LEU B 616 28.32 -20.47 -18.20
CA LEU B 616 26.89 -20.32 -17.97
C LEU B 616 26.08 -20.98 -19.07
N PHE B 617 26.32 -20.59 -20.32
CA PHE B 617 25.56 -21.16 -21.42
C PHE B 617 25.84 -22.64 -21.68
N ALA B 618 26.99 -23.13 -21.22
CA ALA B 618 27.29 -24.54 -21.38
C ALA B 618 26.42 -25.26 -20.35
N ARG B 619 26.37 -24.70 -19.15
CA ARG B 619 25.58 -25.26 -18.06
C ARG B 619 24.10 -25.19 -18.41
N LEU B 620 23.73 -24.26 -19.30
CA LEU B 620 22.34 -24.09 -19.73
C LEU B 620 22.11 -24.86 -21.04
N GLY B 621 23.17 -25.45 -21.58
CA GLY B 621 23.06 -26.20 -22.81
C GLY B 621 22.67 -25.34 -24.02
N LEU B 622 23.28 -24.17 -24.15
CA LEU B 622 22.97 -23.28 -25.27
C LEU B 622 24.18 -22.76 -26.04
N ALA B 623 24.04 -22.64 -27.35
CA ALA B 623 25.11 -22.13 -28.19
C ALA B 623 25.35 -20.69 -27.78
N PHE B 624 26.62 -20.28 -27.73
CA PHE B 624 26.95 -18.92 -27.34
C PHE B 624 28.21 -18.36 -28.00
N ARG B 625 28.09 -17.20 -28.65
CA ARG B 625 29.23 -16.56 -29.29
C ARG B 625 29.08 -15.04 -29.24
N VAL B 626 30.21 -14.33 -29.27
CA VAL B 626 30.21 -12.88 -29.21
C VAL B 626 30.87 -12.28 -30.44
N GLU B 627 30.12 -11.51 -31.22
CA GLU B 627 30.66 -10.87 -32.42
C GLU B 627 30.80 -9.38 -32.18
N ALA B 628 31.87 -8.80 -32.70
CA ALA B 628 32.15 -7.38 -32.53
C ALA B 628 31.06 -6.49 -33.13
N GLN B 629 30.56 -5.58 -32.29
CA GLN B 629 29.53 -4.61 -32.68
C GLN B 629 29.72 -3.40 -31.79
N ALA B 630 29.52 -2.21 -32.37
CA ALA B 630 29.70 -0.97 -31.62
C ALA B 630 28.54 -0.65 -30.70
N PHE B 631 28.88 -0.23 -29.48
CA PHE B 631 27.87 0.13 -28.50
C PHE B 631 28.27 1.42 -27.79
N PRO B 632 27.46 2.47 -27.92
CA PRO B 632 27.68 3.79 -27.33
C PRO B 632 28.23 3.79 -25.90
N PHE B 633 27.69 2.92 -25.05
CA PHE B 633 28.13 2.84 -23.66
C PHE B 633 29.30 1.90 -23.45
N LEU B 634 29.78 1.27 -24.52
CA LEU B 634 30.91 0.37 -24.39
C LEU B 634 32.20 0.92 -25.04
N HIS B 635 33.32 0.35 -24.61
CA HIS B 635 34.63 0.72 -25.11
C HIS B 635 34.67 0.33 -26.60
N PRO B 636 35.04 1.27 -27.49
CA PRO B 636 35.09 0.98 -28.92
C PRO B 636 35.99 -0.23 -29.23
N GLY B 637 37.04 -0.40 -28.43
CA GLY B 637 37.95 -1.50 -28.64
C GLY B 637 37.40 -2.83 -28.13
N VAL B 638 36.80 -2.79 -26.93
CA VAL B 638 36.25 -4.00 -26.33
C VAL B 638 34.72 -3.93 -26.27
N SER B 639 34.07 -4.25 -27.38
CA SER B 639 32.62 -4.20 -27.47
C SER B 639 32.08 -5.21 -28.47
N GLY B 640 31.13 -6.04 -28.03
CA GLY B 640 30.55 -7.03 -28.91
C GLY B 640 29.11 -7.39 -28.57
N ARG B 641 28.42 -7.99 -29.53
CA ARG B 641 27.04 -8.39 -29.31
C ARG B 641 27.02 -9.88 -28.93
N VAL B 642 26.02 -10.27 -28.15
CA VAL B 642 25.89 -11.65 -27.70
C VAL B 642 24.87 -12.44 -28.50
N LEU B 643 25.30 -13.60 -28.99
CA LEU B 643 24.44 -14.47 -29.79
C LEU B 643 24.22 -15.78 -29.04
N VAL B 644 22.97 -16.07 -28.72
CA VAL B 644 22.66 -17.32 -28.05
C VAL B 644 21.83 -18.10 -29.06
N GLU B 645 22.27 -19.31 -29.37
CA GLU B 645 21.58 -20.12 -30.36
C GLU B 645 21.42 -19.29 -31.64
N GLY B 646 22.50 -18.62 -32.02
CA GLY B 646 22.48 -17.82 -33.24
C GLY B 646 21.61 -16.58 -33.32
N GLU B 647 21.09 -16.10 -32.21
CA GLU B 647 20.26 -14.89 -32.26
C GLU B 647 20.77 -13.83 -31.29
N GLU B 648 20.73 -12.58 -31.74
CA GLU B 648 21.22 -11.46 -30.95
C GLU B 648 20.34 -11.17 -29.74
N VAL B 649 20.89 -11.37 -28.55
CA VAL B 649 20.10 -11.13 -27.35
C VAL B 649 20.64 -10.04 -26.43
N GLY B 650 21.82 -9.53 -26.73
CA GLY B 650 22.37 -8.49 -25.87
C GLY B 650 23.78 -8.09 -26.23
N PHE B 651 24.56 -7.70 -25.22
CA PHE B 651 25.93 -7.27 -25.46
C PHE B 651 26.87 -7.68 -24.33
N LEU B 652 28.16 -7.57 -24.63
CA LEU B 652 29.21 -7.88 -23.68
C LEU B 652 30.39 -7.00 -24.03
N GLY B 653 31.07 -6.50 -23.01
CA GLY B 653 32.22 -5.65 -23.26
C GLY B 653 32.65 -4.88 -22.03
N ALA B 654 33.57 -3.95 -22.22
CA ALA B 654 34.04 -3.13 -21.12
C ALA B 654 33.31 -1.80 -21.16
N LEU B 655 33.10 -1.20 -19.99
CA LEU B 655 32.42 0.08 -19.91
C LEU B 655 33.26 1.11 -20.64
N HIS B 656 32.62 1.94 -21.46
CA HIS B 656 33.36 2.97 -22.20
C HIS B 656 34.17 3.76 -21.18
N PRO B 657 35.47 3.99 -21.48
CA PRO B 657 36.37 4.74 -20.60
C PRO B 657 35.82 6.08 -20.16
N GLU B 658 35.44 6.92 -21.11
CA GLU B 658 34.91 8.23 -20.79
C GLU B 658 33.84 8.17 -19.69
N ILE B 659 32.96 7.17 -19.77
CA ILE B 659 31.92 7.00 -18.77
C ILE B 659 32.52 6.65 -17.41
N ALA B 660 33.47 5.72 -17.42
CA ALA B 660 34.11 5.29 -16.18
C ALA B 660 34.76 6.50 -15.52
N GLN B 661 35.39 7.34 -16.33
CA GLN B 661 36.06 8.53 -15.85
C GLN B 661 35.09 9.56 -15.27
N GLU B 662 33.97 9.78 -15.94
CA GLU B 662 33.00 10.73 -15.43
C GLU B 662 32.40 10.24 -14.11
N LEU B 663 32.48 8.94 -13.85
CA LEU B 663 31.94 8.36 -12.63
C LEU B 663 33.06 8.00 -11.66
N GLU B 664 34.29 8.34 -12.04
CA GLU B 664 35.47 8.07 -11.22
C GLU B 664 35.65 6.59 -10.92
N LEU B 665 35.52 5.76 -11.95
CA LEU B 665 35.66 4.34 -11.76
C LEU B 665 36.77 3.70 -12.57
N PRO B 666 37.39 2.65 -12.02
CA PRO B 666 38.46 1.94 -12.71
C PRO B 666 37.75 1.21 -13.84
N PRO B 667 38.48 0.46 -14.67
CA PRO B 667 37.73 -0.21 -15.73
C PRO B 667 36.69 -1.21 -15.19
N VAL B 668 35.57 -1.31 -15.90
CA VAL B 668 34.48 -2.20 -15.53
C VAL B 668 33.99 -2.97 -16.75
N HIS B 669 33.78 -4.27 -16.58
CA HIS B 669 33.29 -5.13 -17.65
C HIS B 669 31.85 -5.53 -17.36
N LEU B 670 31.02 -5.60 -18.39
CA LEU B 670 29.64 -5.98 -18.16
C LEU B 670 28.91 -6.57 -19.36
N PHE B 671 27.67 -6.98 -19.12
CA PHE B 671 26.85 -7.55 -20.19
C PHE B 671 25.38 -7.47 -19.79
N GLU B 672 24.51 -7.44 -20.80
CA GLU B 672 23.09 -7.39 -20.56
C GLU B 672 22.40 -8.13 -21.69
N LEU B 673 21.53 -9.07 -21.35
CA LEU B 673 20.79 -9.86 -22.33
C LEU B 673 19.32 -9.77 -22.05
N ARG B 674 18.52 -10.14 -23.04
CA ARG B 674 17.09 -10.13 -22.89
C ARG B 674 16.62 -11.55 -22.57
N LEU B 675 15.69 -11.66 -21.64
CA LEU B 675 15.11 -12.93 -21.25
C LEU B 675 13.67 -12.92 -21.77
N PRO B 676 13.05 -14.09 -21.93
CA PRO B 676 13.63 -15.42 -21.65
C PRO B 676 14.61 -15.85 -22.73
N LEU B 677 15.64 -16.58 -22.31
CA LEU B 677 16.64 -17.06 -23.26
C LEU B 677 16.07 -18.09 -24.23
N PRO B 678 16.74 -18.26 -25.39
CA PRO B 678 16.31 -19.21 -26.41
C PRO B 678 16.19 -20.62 -25.84
N ASP B 679 15.34 -21.43 -26.45
CA ASP B 679 15.14 -22.80 -26.00
C ASP B 679 15.66 -23.82 -27.00
N LYS B 680 16.44 -24.78 -26.51
CA LYS B 680 16.95 -25.85 -27.35
C LYS B 680 16.65 -27.16 -26.68
N PRO B 681 15.69 -27.92 -27.25
CA PRO B 681 15.24 -29.23 -26.77
C PRO B 681 16.33 -30.29 -26.81
N LEU B 682 16.45 -31.04 -25.73
CA LEU B 682 17.44 -32.09 -25.61
C LEU B 682 17.31 -33.09 -26.75
N ALA B 683 18.36 -33.22 -27.54
CA ALA B 683 18.37 -34.16 -28.64
C ALA B 683 19.51 -35.11 -28.32
N PHE B 684 19.25 -36.11 -27.49
CA PHE B 684 20.29 -37.06 -27.12
C PHE B 684 21.01 -37.62 -28.34
N GLN B 685 22.34 -37.58 -28.29
CA GLN B 685 23.17 -38.07 -29.38
C GLN B 685 24.05 -39.20 -28.86
N ASP B 686 23.73 -40.43 -29.25
CA ASP B 686 24.52 -41.57 -28.79
C ASP B 686 25.96 -41.42 -29.28
N PRO B 687 26.90 -41.15 -28.37
CA PRO B 687 28.31 -40.98 -28.73
C PRO B 687 28.98 -42.22 -29.29
N SER B 688 29.71 -42.06 -30.39
CA SER B 688 30.42 -43.15 -31.05
C SER B 688 31.40 -43.83 -30.08
N ARG B 689 31.49 -45.16 -30.16
CA ARG B 689 32.39 -45.90 -29.28
C ARG B 689 33.75 -46.20 -29.92
N HIS B 690 33.97 -45.75 -31.15
CA HIS B 690 35.23 -46.00 -31.85
C HIS B 690 36.27 -44.91 -31.61
N PRO B 691 37.56 -45.22 -31.82
CA PRO B 691 38.61 -44.24 -31.60
C PRO B 691 38.43 -43.03 -32.52
N ALA B 692 38.81 -41.86 -32.02
CA ALA B 692 38.68 -40.62 -32.79
C ALA B 692 39.97 -40.29 -33.51
N ALA B 693 39.86 -39.43 -34.53
CA ALA B 693 41.02 -39.01 -35.31
C ALA B 693 41.52 -37.65 -34.85
N PHE B 694 42.82 -37.57 -34.58
CA PHE B 694 43.45 -36.32 -34.12
C PHE B 694 44.35 -35.71 -35.17
N ARG B 695 44.20 -34.41 -35.39
CA ARG B 695 45.02 -33.72 -36.37
C ARG B 695 45.11 -32.24 -35.99
N ASP B 696 46.32 -31.70 -36.02
CA ASP B 696 46.55 -30.30 -35.68
C ASP B 696 46.92 -29.51 -36.92
N LEU B 697 46.67 -28.21 -36.88
CA LEU B 697 46.97 -27.35 -38.02
C LEU B 697 46.82 -25.88 -37.62
N ALA B 698 47.67 -25.03 -38.18
CA ALA B 698 47.62 -23.61 -37.86
C ALA B 698 47.09 -22.84 -39.06
N VAL B 699 46.53 -21.66 -38.80
CA VAL B 699 46.02 -20.83 -39.86
C VAL B 699 46.56 -19.41 -39.72
N VAL B 700 47.41 -19.02 -40.67
CA VAL B 700 47.99 -17.67 -40.66
C VAL B 700 46.90 -16.73 -41.15
N VAL B 701 46.63 -15.71 -40.36
CA VAL B 701 45.56 -14.77 -40.68
C VAL B 701 45.93 -13.31 -40.43
N PRO B 702 45.42 -12.39 -41.27
CA PRO B 702 45.75 -10.98 -41.04
C PRO B 702 45.22 -10.56 -39.66
N ALA B 703 46.04 -9.85 -38.90
CA ALA B 703 45.67 -9.41 -37.56
C ALA B 703 44.22 -8.92 -37.36
N PRO B 704 43.68 -8.15 -38.32
CA PRO B 704 42.30 -7.65 -38.17
C PRO B 704 41.20 -8.72 -38.15
N THR B 705 41.43 -9.85 -38.81
CA THR B 705 40.43 -10.92 -38.85
C THR B 705 40.02 -11.41 -37.48
N PRO B 706 38.70 -11.53 -37.24
CA PRO B 706 38.16 -11.99 -35.96
C PRO B 706 38.25 -13.50 -35.84
N TYR B 707 38.67 -13.99 -34.68
CA TYR B 707 38.78 -15.42 -34.45
C TYR B 707 37.53 -16.22 -34.85
N GLY B 708 36.37 -15.64 -34.59
CA GLY B 708 35.12 -16.30 -34.92
C GLY B 708 34.91 -16.60 -36.38
N GLU B 709 35.43 -15.72 -37.24
CA GLU B 709 35.28 -15.90 -38.67
C GLU B 709 36.11 -17.11 -39.14
N VAL B 710 37.31 -17.24 -38.60
CA VAL B 710 38.20 -18.34 -38.94
C VAL B 710 37.57 -19.64 -38.45
N GLU B 711 37.31 -19.66 -37.15
CA GLU B 711 36.69 -20.78 -36.46
C GLU B 711 35.54 -21.34 -37.30
N ALA B 712 34.70 -20.45 -37.82
CA ALA B 712 33.54 -20.83 -38.62
C ALA B 712 33.92 -21.49 -39.94
N LEU B 713 34.91 -20.93 -40.62
CA LEU B 713 35.34 -21.49 -41.90
C LEU B 713 35.96 -22.87 -41.68
N VAL B 714 36.76 -23.00 -40.64
CA VAL B 714 37.39 -24.28 -40.37
C VAL B 714 36.32 -25.34 -40.12
N ARG B 715 35.36 -25.03 -39.25
CA ARG B 715 34.30 -26.00 -38.93
C ARG B 715 33.45 -26.38 -40.13
N GLU B 716 33.11 -25.40 -40.95
CA GLU B 716 32.30 -25.65 -42.13
C GLU B 716 32.91 -26.74 -43.00
N ALA B 717 34.07 -26.45 -43.56
CA ALA B 717 34.76 -27.39 -44.43
C ALA B 717 35.30 -28.60 -43.68
N ALA B 718 35.40 -28.49 -42.36
CA ALA B 718 35.92 -29.57 -41.53
C ALA B 718 35.20 -30.89 -41.79
N GLY B 719 34.02 -30.82 -42.38
CA GLY B 719 33.27 -32.02 -42.67
C GLY B 719 32.24 -32.44 -41.64
N PRO B 720 31.42 -33.46 -41.96
CA PRO B 720 30.39 -33.98 -41.07
C PRO B 720 30.91 -34.91 -39.98
N TYR B 721 32.21 -35.22 -40.00
CA TYR B 721 32.78 -36.10 -38.99
C TYR B 721 33.69 -35.36 -38.02
N LEU B 722 33.51 -34.04 -37.93
CA LEU B 722 34.31 -33.23 -37.02
C LEU B 722 33.71 -33.34 -35.61
N GLU B 723 34.46 -33.93 -34.69
CA GLU B 723 33.99 -34.08 -33.32
C GLU B 723 34.29 -32.82 -32.52
N SER B 724 35.55 -32.39 -32.53
CA SER B 724 36.02 -31.23 -31.77
C SER B 724 37.06 -30.37 -32.54
N LEU B 725 36.94 -29.09 -32.28
CA LEU B 725 37.67 -27.97 -32.89
C LEU B 725 37.99 -26.99 -31.79
N ALA B 726 39.24 -26.98 -31.32
CA ALA B 726 39.60 -26.12 -30.23
C ALA B 726 40.79 -25.27 -30.59
N LEU B 727 40.89 -24.10 -30.02
CA LEU B 727 41.98 -23.18 -30.27
C LEU B 727 42.99 -23.26 -29.13
N PHE B 728 44.21 -23.72 -29.38
CA PHE B 728 45.17 -23.83 -28.30
C PHE B 728 46.33 -22.83 -28.33
N ASP B 729 46.35 -21.96 -29.33
CA ASP B 729 47.44 -20.99 -29.38
C ASP B 729 47.25 -19.88 -30.39
N LEU B 730 47.63 -18.67 -29.97
CA LEU B 730 47.52 -17.49 -30.80
C LEU B 730 48.86 -16.77 -30.74
N TYR B 731 49.45 -16.58 -31.91
CA TYR B 731 50.75 -15.92 -32.00
C TYR B 731 50.86 -15.03 -33.23
N GLN B 732 51.59 -13.93 -33.08
CA GLN B 732 51.82 -13.01 -34.19
C GLN B 732 53.19 -12.35 -34.06
N GLY B 733 54.04 -12.58 -35.07
CA GLY B 733 55.38 -12.02 -35.08
C GLY B 733 56.25 -12.83 -36.03
N PRO B 734 57.53 -13.04 -35.70
CA PRO B 734 58.43 -13.81 -36.56
C PRO B 734 58.18 -15.31 -36.40
N PRO B 735 58.22 -16.06 -37.51
CA PRO B 735 58.49 -15.65 -38.89
C PRO B 735 57.23 -15.33 -39.69
N LEU B 736 56.25 -14.70 -39.06
CA LEU B 736 55.01 -14.38 -39.75
C LEU B 736 55.03 -13.01 -40.44
N PRO B 737 54.19 -12.96 -41.50
CA PRO B 737 54.00 -11.75 -42.36
C PRO B 737 53.65 -10.47 -41.65
N GLU B 738 54.50 -9.47 -41.61
CA GLU B 738 54.03 -8.35 -40.79
C GLU B 738 52.56 -8.01 -41.02
N GLY B 739 51.86 -7.98 -39.87
CA GLY B 739 50.46 -7.69 -39.69
C GLY B 739 49.60 -8.97 -39.74
N HIS B 740 50.20 -10.09 -39.34
CA HIS B 740 49.55 -11.39 -39.45
C HIS B 740 49.66 -12.16 -38.13
N LYS B 741 48.78 -13.14 -37.97
CA LYS B 741 48.75 -13.95 -36.76
C LYS B 741 48.33 -15.36 -37.12
N SER B 742 48.82 -16.34 -36.37
CA SER B 742 48.46 -17.73 -36.63
C SER B 742 47.56 -18.24 -35.50
N LEU B 743 46.75 -19.23 -35.80
CA LEU B 743 45.83 -19.81 -34.82
C LEU B 743 45.98 -21.33 -34.74
N ALA B 744 46.54 -21.80 -33.64
CA ALA B 744 46.75 -23.23 -33.42
C ALA B 744 45.39 -23.92 -33.16
N PHE B 745 45.05 -24.88 -34.02
CA PHE B 745 43.78 -25.60 -33.91
C PHE B 745 43.91 -27.09 -33.64
N HIS B 746 43.22 -27.55 -32.61
CA HIS B 746 43.20 -28.96 -32.26
C HIS B 746 41.94 -29.51 -32.90
N LEU B 747 42.08 -30.48 -33.79
CA LEU B 747 40.90 -31.06 -34.45
C LEU B 747 40.70 -32.52 -34.08
N ARG B 748 39.46 -32.97 -34.23
CA ARG B 748 39.10 -34.35 -33.93
C ARG B 748 37.98 -34.81 -34.85
N PHE B 749 38.11 -36.03 -35.35
CA PHE B 749 37.10 -36.60 -36.22
C PHE B 749 36.65 -37.91 -35.61
N ARG B 750 35.45 -38.36 -35.97
CA ARG B 750 34.94 -39.60 -35.44
C ARG B 750 33.75 -40.08 -36.24
N HIS B 751 33.69 -41.39 -36.46
CA HIS B 751 32.58 -41.99 -37.20
C HIS B 751 31.79 -42.84 -36.23
N PRO B 752 30.48 -42.62 -36.16
CA PRO B 752 29.61 -43.38 -35.25
C PRO B 752 29.64 -44.91 -35.40
N LYS B 753 29.69 -45.41 -36.63
CA LYS B 753 29.67 -46.85 -36.83
C LYS B 753 31.02 -47.57 -36.89
N ARG B 754 32.10 -46.86 -37.18
CA ARG B 754 33.42 -47.49 -37.25
C ARG B 754 34.56 -46.51 -37.32
N THR B 755 35.79 -47.02 -37.24
CA THR B 755 36.96 -46.15 -37.29
C THR B 755 37.06 -45.47 -38.64
N LEU B 756 37.69 -44.30 -38.66
CA LEU B 756 37.85 -43.53 -39.90
C LEU B 756 39.17 -43.85 -40.62
N ARG B 757 39.06 -44.05 -41.93
CA ARG B 757 40.22 -44.33 -42.75
C ARG B 757 40.95 -43.02 -43.03
N ASP B 758 42.27 -43.04 -42.97
CA ASP B 758 43.08 -41.85 -43.21
C ASP B 758 42.65 -41.13 -44.49
N GLU B 759 42.04 -41.86 -45.42
CA GLU B 759 41.55 -41.27 -46.67
C GLU B 759 40.56 -40.20 -46.29
N GLU B 760 39.55 -40.62 -45.54
CA GLU B 760 38.48 -39.74 -45.07
C GLU B 760 39.03 -38.56 -44.28
N VAL B 761 40.02 -38.83 -43.42
CA VAL B 761 40.61 -37.77 -42.60
C VAL B 761 41.34 -36.74 -43.44
N GLU B 762 42.49 -37.11 -43.98
CA GLU B 762 43.28 -36.21 -44.81
C GLU B 762 42.44 -35.51 -45.88
N GLU B 763 41.53 -36.26 -46.49
CA GLU B 763 40.67 -35.71 -47.53
C GLU B 763 39.89 -34.50 -47.00
N ALA B 764 39.39 -34.59 -45.78
CA ALA B 764 38.66 -33.49 -45.17
C ALA B 764 39.62 -32.37 -44.79
N VAL B 765 40.74 -32.73 -44.18
CA VAL B 765 41.72 -31.73 -43.77
C VAL B 765 42.10 -30.91 -45.00
N SER B 766 41.86 -31.48 -46.17
CA SER B 766 42.16 -30.82 -47.42
C SER B 766 41.04 -29.86 -47.81
N ARG B 767 39.82 -30.36 -47.83
CA ARG B 767 38.67 -29.55 -48.18
C ARG B 767 38.72 -28.28 -47.35
N VAL B 768 39.34 -28.40 -46.18
CA VAL B 768 39.48 -27.27 -45.27
C VAL B 768 40.55 -26.32 -45.79
N ALA B 769 41.71 -26.87 -46.14
CA ALA B 769 42.82 -26.07 -46.65
C ALA B 769 42.40 -25.34 -47.92
N GLU B 770 41.47 -25.95 -48.65
CA GLU B 770 40.97 -25.38 -49.89
C GLU B 770 40.19 -24.09 -49.64
N ALA B 771 39.04 -24.22 -48.98
CA ALA B 771 38.20 -23.07 -48.67
C ALA B 771 38.96 -22.12 -47.75
N LEU B 772 39.94 -22.66 -47.04
CA LEU B 772 40.75 -21.87 -46.13
C LEU B 772 41.55 -20.84 -46.93
N ARG B 773 42.41 -21.35 -47.81
CA ARG B 773 43.22 -20.49 -48.65
C ARG B 773 42.36 -19.81 -49.72
N ALA B 774 41.29 -20.47 -50.15
CA ALA B 774 40.39 -19.90 -51.15
C ALA B 774 39.74 -18.64 -50.57
N ARG B 775 39.79 -18.52 -49.25
CA ARG B 775 39.24 -17.36 -48.56
C ARG B 775 40.32 -16.29 -48.60
N GLY B 776 41.54 -16.69 -48.25
CA GLY B 776 42.67 -15.77 -48.23
C GLY B 776 43.61 -16.01 -47.07
N PHE B 777 43.46 -17.17 -46.44
CA PHE B 777 44.29 -17.52 -45.29
C PHE B 777 45.34 -18.59 -45.63
N GLY B 778 46.48 -18.49 -44.95
CA GLY B 778 47.55 -19.45 -45.16
C GLY B 778 47.46 -20.61 -44.18
N LEU B 779 47.96 -21.77 -44.58
CA LEU B 779 47.93 -22.95 -43.73
C LEU B 779 49.31 -23.37 -43.19
N ARG B 780 49.87 -22.52 -42.33
CA ARG B 780 51.18 -22.71 -41.69
C ARG B 780 51.54 -24.18 -41.49
N GLY B 781 50.80 -24.85 -40.60
CA GLY B 781 51.06 -26.26 -40.32
C GLY B 781 49.95 -27.11 -40.91
N LEU B 782 50.24 -28.39 -41.16
CA LEU B 782 49.25 -29.31 -41.73
C LEU B 782 49.56 -30.74 -41.32
N ASP B 783 48.51 -31.51 -41.00
CA ASP B 783 48.68 -32.91 -40.60
C ASP B 783 49.66 -33.01 -39.40
N THR B 784 49.91 -31.86 -38.76
CA THR B 784 50.82 -31.80 -37.62
C THR B 784 50.46 -32.90 -36.61
N PRO B 785 51.48 -33.64 -36.12
CA PRO B 785 51.24 -34.71 -35.15
C PRO B 785 50.89 -34.20 -33.75
#